data_8D6A
#
_entry.id   8D6A
#
_cell.length_a   1.00
_cell.length_b   1.00
_cell.length_c   1.00
_cell.angle_alpha   90.00
_cell.angle_beta   90.00
_cell.angle_gamma   90.00
#
_symmetry.space_group_name_H-M   'P 1'
#
loop_
_entity.id
_entity.type
_entity.pdbx_description
1 polymer 'Leukemia inhibitory factor'
2 polymer 'Interleukin-6 receptor subunit beta'
3 polymer 'Leukemia inhibitory factor receptor'
4 branched 2-acetamido-2-deoxy-beta-D-glucopyranose-(1-4)-2-acetamido-2-deoxy-beta-D-glucopyranose
5 non-polymer 2-acetamido-2-deoxy-beta-D-glucopyranose
#
loop_
_entity_poly.entity_id
_entity_poly.type
_entity_poly.pdbx_seq_one_letter_code
_entity_poly.pdbx_strand_id
1 'polypeptide(L)'
;PLPITPVNATCAIRHPCHNNLMNQIRSQLAQLNGSANALFILYYTAQGEPFPNNLDKLCGPNVTDFPPFHANGTEKAKLV
ELYRIVVYLGTSLGNITRDQKILNPSALSLHSKLNATADILRGLLSNVLCRLCSKYHVGHVDVTYGPDTSGKDVFQKKKL
GCQLLGKYKQIIAVLAQAF
;
D
2 'polypeptide(L)'
;ELLDPCGYISPESPVVQLHSNFTAVCVLKEKCMDYFHVNANYIVWKTNHFTIPKEQYTIINRTASSVTFTDIASLNIQLT
CNILTFGQLEQNVYGITIISGLPPEKPKNLSCIVNEGKKMRCEWDGGRETHLETNFTLKSEWATHKFADCKAKRDTPTSC
TVDYSTVYFVNIEVWVEAENALGKVTSDHINFDPVYKVKPNPPHNLSVINSEELSSILKLTWTNPSIKSVIILKYNIQYR
TKDASTWSQIPPEDTASTRSSFTVQDLKPFTEYVFRIRCMKEDGKGYWSDWSEEASGITYEDRPSKAPSFWYKIDPSHTQ
GYRTVQLVWKTLPPFEANGKILDYEVTLTRWKSHLQNYTVNATKLTVNLTNDRYLATLTVRNLVGKSDAAVLTIPACDFQ
ATHPVMDLKAFPKDNMLWVEWTTPRESVKKYILEWCVLSDKAPCITDWQQEDGTVHRTYLRGNLAESKCYLITVTPVYAD
GPGSPESIKAYLKQAPPSKGPTVRTKKVGKNEAVLEWDQLPVDVQNGFIRNYTIFYRTIIGNETAVNVDSSHTEYTLSSL
TSDTLYMVRMAAYTDEGGKDGPEFTFTTPKFAQGEIEEQKLISEEDLGGEQKLISEEDLHHHHHH
;
A
3 'polypeptide(L)'
;QKKGAPHDLKCVTNNLQVWNCSWKAPSGTGRGTDYEVCIENRSRSCYQLEKTSIKIPALSHGDYEITINSLHDFGSSTSK
FTLNEQNVSLIPDTPEILNLSADFSTSTLYLKWNDRGSVFPHRSNVIWEIKVLRKESMELVKLVTHNTTLNGKDTLHHWS
WASDMPLECAIHFVEIRCYIDNLHFSGLEEWSDWSPVKNISWIPDSQTKVFPQDKVILVGSDITFCCVSQEKVLSALIGH
TNCPLIHLDGENVAIKIRNISVSASSGTNVVFTTEDNIFGTVIFAGYPPDTPQQLNCETHDLKEIICSWNPGRVTALVGP
RATSYTLVESFSGKYVRLKRAEAPTNESYQLLFQMLPNQEIYNFTLNAHNPLGRSQSTILVNITEKVYPHTPTSFKVKDI
NSTAVKLSWHLPGNFAKINFLCEIEIKKSNSVQEQRNVTIKGVENSSYLVALDKLNPYTLYTFRIRCSTETFWKWSKWSN
KKQHLTTEASPSKGPDTWREWSSDGKNLIIYWKPLPINEANGKILSYNVSCSSDEETQSLSEIPDPQHKAEIRLDKNDYI
ISVVAKNSVGSSPPSKIASMEIPNDDLKIEQVVGMGKGILLTWHYDPNMTCDYVIKWCNSSRSEPCLMDWRKVPSNSTET
VIESDEFRPGIRYNFFLYGCRNQGYQLLRSMIGYIEELAPIVAPNFTVEDTSADSILVKWEDIPVEELRGFLRGYLFYFG
KGERDTSKMRVLESGRSDIKVKNITDISQKTLRIADLQGKTSYHLVLRAYTDGGVGPEKSMYVVTKENSEQKLISEEDLG
GEQKLISEEDLHHHHHH
;
B
#
# COMPACT_ATOMS: atom_id res chain seq x y z
N CYS A 11 43.33 4.49 2.46
CA CYS A 11 41.87 4.40 2.46
C CYS A 11 41.27 5.14 3.65
N ALA A 12 42.11 5.48 4.62
CA ALA A 12 41.69 6.17 5.85
C ALA A 12 40.62 5.36 6.58
N ILE A 13 40.93 4.10 6.84
CA ILE A 13 39.99 3.22 7.54
C ILE A 13 39.93 3.60 9.00
N ARG A 14 38.71 3.80 9.51
CA ARG A 14 38.54 4.21 10.89
C ARG A 14 38.86 3.06 11.84
N HIS A 15 38.19 1.93 11.68
CA HIS A 15 38.43 0.74 12.50
C HIS A 15 38.35 -0.50 11.64
N PRO A 16 39.02 -1.58 12.04
CA PRO A 16 39.05 -2.79 11.21
C PRO A 16 37.66 -3.32 10.88
N CYS A 17 37.57 -4.03 9.77
CA CYS A 17 36.31 -4.46 9.17
C CYS A 17 35.87 -5.76 9.84
N HIS A 18 34.80 -6.37 9.32
CA HIS A 18 34.39 -7.68 9.81
C HIS A 18 35.10 -8.77 9.02
N ASN A 19 34.82 -10.03 9.36
CA ASN A 19 35.45 -11.17 8.71
C ASN A 19 34.53 -11.93 7.77
N ASN A 20 33.21 -11.79 7.90
CA ASN A 20 32.26 -12.46 7.03
C ASN A 20 31.89 -11.64 5.80
N LEU A 21 32.80 -10.77 5.35
CA LEU A 21 32.51 -9.90 4.21
C LEU A 21 32.20 -10.70 2.95
N MET A 22 32.79 -11.88 2.80
CA MET A 22 32.52 -12.70 1.62
C MET A 22 31.06 -13.14 1.58
N ASN A 23 30.57 -13.73 2.68
CA ASN A 23 29.16 -14.12 2.73
C ASN A 23 28.25 -12.91 2.63
N GLN A 24 28.67 -11.78 3.24
CA GLN A 24 27.87 -10.56 3.16
C GLN A 24 27.70 -10.10 1.72
N ILE A 25 28.80 -10.05 0.96
CA ILE A 25 28.70 -9.58 -0.42
C ILE A 25 28.01 -10.61 -1.30
N ARG A 26 28.10 -11.90 -0.96
CA ARG A 26 27.36 -12.91 -1.72
C ARG A 26 25.85 -12.73 -1.54
N SER A 27 25.40 -12.56 -0.28
CA SER A 27 24.00 -12.30 -0.03
C SER A 27 23.56 -10.98 -0.69
N GLN A 28 24.43 -9.97 -0.65
CA GLN A 28 24.11 -8.70 -1.28
C GLN A 28 23.97 -8.84 -2.79
N LEU A 29 24.81 -9.68 -3.40
CA LEU A 29 24.70 -9.91 -4.85
C LEU A 29 23.43 -10.66 -5.20
N ALA A 30 23.04 -11.63 -4.36
CA ALA A 30 21.77 -12.32 -4.60
C ALA A 30 20.59 -11.35 -4.49
N GLN A 31 20.57 -10.53 -3.44
CA GLN A 31 19.51 -9.54 -3.29
C GLN A 31 19.53 -8.54 -4.45
N LEU A 32 20.72 -8.20 -4.93
CA LEU A 32 20.84 -7.28 -6.06
C LEU A 32 20.26 -7.90 -7.32
N ASN A 33 20.54 -9.18 -7.57
CA ASN A 33 19.96 -9.86 -8.72
C ASN A 33 18.43 -9.86 -8.64
N GLY A 34 17.89 -10.19 -7.46
CA GLY A 34 16.44 -10.19 -7.31
C GLY A 34 15.83 -8.83 -7.53
N SER A 35 16.37 -7.81 -6.86
CA SER A 35 15.84 -6.45 -6.99
C SER A 35 16.02 -5.91 -8.40
N ALA A 36 17.09 -6.30 -9.10
CA ALA A 36 17.29 -5.86 -10.47
C ALA A 36 16.27 -6.49 -11.40
N ASN A 37 15.99 -7.78 -11.23
CA ASN A 37 14.93 -8.41 -12.01
C ASN A 37 13.60 -7.71 -11.79
N ALA A 38 13.25 -7.47 -10.52
CA ALA A 38 11.98 -6.83 -10.22
C ALA A 38 11.92 -5.42 -10.79
N LEU A 39 13.02 -4.66 -10.68
CA LEU A 39 13.06 -3.31 -11.20
C LEU A 39 12.94 -3.29 -12.71
N PHE A 40 13.57 -4.24 -13.39
CA PHE A 40 13.46 -4.31 -14.85
C PHE A 40 12.04 -4.63 -15.27
N ILE A 41 11.38 -5.57 -14.57
CA ILE A 41 9.98 -5.87 -14.88
C ILE A 41 9.13 -4.62 -14.70
N LEU A 42 9.27 -3.95 -13.56
CA LEU A 42 8.50 -2.73 -13.32
C LEU A 42 8.76 -1.67 -14.39
N TYR A 43 10.03 -1.56 -14.82
CA TYR A 43 10.38 -0.52 -15.79
C TYR A 43 9.76 -0.80 -17.15
N TYR A 44 9.93 -2.02 -17.68
CA TYR A 44 9.34 -2.29 -18.98
C TYR A 44 7.83 -2.50 -18.89
N THR A 45 7.26 -2.55 -17.70
CA THR A 45 5.80 -2.55 -17.58
C THR A 45 5.24 -1.13 -17.54
N ALA A 46 5.95 -0.20 -16.90
CA ALA A 46 5.46 1.15 -16.71
C ALA A 46 6.03 2.16 -17.70
N GLN A 47 6.91 1.73 -18.60
CA GLN A 47 7.48 2.66 -19.58
C GLN A 47 6.41 3.18 -20.54
N GLY A 48 5.78 2.27 -21.28
CA GLY A 48 4.80 2.66 -22.27
C GLY A 48 4.19 1.49 -23.01
N GLU A 49 3.28 1.79 -23.94
CA GLU A 49 2.61 0.73 -24.70
C GLU A 49 3.49 0.08 -25.76
N PRO A 50 4.18 0.83 -26.65
CA PRO A 50 4.94 0.16 -27.71
C PRO A 50 6.20 -0.54 -27.22
N PHE A 51 6.58 -0.41 -25.96
CA PHE A 51 7.84 -0.98 -25.48
C PHE A 51 7.77 -2.49 -25.26
N PRO A 52 6.77 -3.03 -24.54
CA PRO A 52 6.76 -4.49 -24.32
C PRO A 52 6.60 -5.30 -25.58
N ASN A 53 5.97 -4.75 -26.62
CA ASN A 53 5.78 -5.51 -27.85
C ASN A 53 7.08 -5.64 -28.64
N ASN A 54 7.94 -4.62 -28.58
CA ASN A 54 9.19 -4.63 -29.32
C ASN A 54 10.39 -4.63 -28.38
N LEU A 55 10.33 -5.46 -27.33
CA LEU A 55 11.41 -5.49 -26.34
C LEU A 55 12.74 -5.88 -26.96
N ASP A 56 12.73 -6.89 -27.84
CA ASP A 56 13.97 -7.41 -28.41
C ASP A 56 14.75 -6.36 -29.18
N LYS A 57 14.09 -5.30 -29.65
CA LYS A 57 14.74 -4.23 -30.39
C LYS A 57 14.91 -2.95 -29.58
N LEU A 58 13.99 -2.69 -28.64
CA LEU A 58 14.05 -1.43 -27.89
C LEU A 58 14.92 -1.56 -26.64
N CYS A 59 14.85 -2.68 -25.95
CA CYS A 59 15.53 -2.87 -24.67
C CYS A 59 16.60 -3.95 -24.76
N GLY A 60 17.35 -3.97 -25.86
CA GLY A 60 18.41 -4.92 -26.03
C GLY A 60 19.56 -4.68 -25.07
N PRO A 61 20.23 -5.76 -24.64
CA PRO A 61 21.35 -5.63 -23.70
C PRO A 61 22.66 -5.28 -24.39
N ASN A 62 22.68 -4.12 -25.05
CA ASN A 62 23.87 -3.64 -25.74
C ASN A 62 24.11 -2.18 -25.35
N VAL A 63 25.27 -1.92 -24.75
CA VAL A 63 25.67 -0.58 -24.34
C VAL A 63 27.00 -0.26 -25.01
N THR A 64 27.12 0.99 -25.47
CA THR A 64 28.34 1.40 -26.17
C THR A 64 29.56 1.47 -25.25
N ASP A 65 29.35 1.60 -23.94
CA ASP A 65 30.45 1.67 -23.00
C ASP A 65 30.01 1.02 -21.69
N PHE A 66 30.75 -0.01 -21.26
CA PHE A 66 30.45 -0.71 -20.02
C PHE A 66 31.70 -1.42 -19.54
N PRO A 67 32.00 -1.40 -18.25
CA PRO A 67 33.20 -2.08 -17.76
C PRO A 67 33.09 -3.58 -17.91
N PRO A 68 34.05 -4.22 -18.59
CA PRO A 68 33.99 -5.67 -18.76
C PRO A 68 34.32 -6.40 -17.46
N PHE A 69 34.02 -7.69 -17.45
CA PHE A 69 34.25 -8.54 -16.30
C PHE A 69 34.88 -9.85 -16.76
N HIS A 70 35.88 -10.32 -16.01
CA HIS A 70 36.58 -11.56 -16.28
C HIS A 70 36.35 -12.52 -15.13
N ALA A 71 35.70 -13.65 -15.42
CA ALA A 71 35.42 -14.63 -14.37
C ALA A 71 36.65 -15.45 -14.02
N ASN A 72 37.55 -15.69 -14.97
CA ASN A 72 38.75 -16.47 -14.73
C ASN A 72 39.83 -15.68 -13.99
N GLY A 73 39.64 -14.38 -13.78
CA GLY A 73 40.62 -13.57 -13.10
C GLY A 73 40.71 -13.89 -11.62
N THR A 74 41.67 -13.23 -10.98
CA THR A 74 41.90 -13.43 -9.56
C THR A 74 40.87 -12.66 -8.72
N GLU A 75 40.90 -12.90 -7.41
CA GLU A 75 39.94 -12.26 -6.52
C GLU A 75 40.11 -10.75 -6.47
N LYS A 76 41.37 -10.29 -6.48
CA LYS A 76 41.62 -8.86 -6.43
C LYS A 76 41.11 -8.16 -7.69
N ALA A 77 41.41 -8.73 -8.85
CA ALA A 77 40.92 -8.16 -10.10
C ALA A 77 39.40 -8.20 -10.17
N LYS A 78 38.80 -9.29 -9.68
CA LYS A 78 37.35 -9.39 -9.66
C LYS A 78 36.73 -8.32 -8.76
N LEU A 79 37.34 -8.07 -7.61
CA LEU A 79 36.83 -7.04 -6.71
C LEU A 79 36.99 -5.65 -7.30
N VAL A 80 38.10 -5.38 -7.98
CA VAL A 80 38.31 -4.08 -8.61
C VAL A 80 37.28 -3.87 -9.71
N GLU A 81 37.06 -4.90 -10.55
CA GLU A 81 36.07 -4.79 -11.60
C GLU A 81 34.67 -4.60 -11.03
N LEU A 82 34.36 -5.29 -9.93
CA LEU A 82 33.06 -5.13 -9.28
C LEU A 82 32.89 -3.72 -8.73
N TYR A 83 33.95 -3.14 -8.17
CA TYR A 83 33.88 -1.78 -7.67
C TYR A 83 33.64 -0.79 -8.80
N ARG A 84 34.37 -0.93 -9.91
CA ARG A 84 34.15 -0.05 -11.05
C ARG A 84 32.73 -0.20 -11.58
N ILE A 85 32.25 -1.44 -11.69
CA ILE A 85 30.92 -1.69 -12.23
C ILE A 85 29.85 -1.10 -11.31
N VAL A 86 30.03 -1.22 -9.99
CA VAL A 86 29.01 -0.70 -9.08
C VAL A 86 29.04 0.82 -9.04
N VAL A 87 30.21 1.44 -9.23
CA VAL A 87 30.27 2.89 -9.32
C VAL A 87 29.52 3.37 -10.56
N TYR A 88 29.81 2.75 -11.71
CA TYR A 88 29.12 3.11 -12.94
C TYR A 88 27.62 2.88 -12.82
N LEU A 89 27.22 1.78 -12.19
CA LEU A 89 25.81 1.47 -12.04
C LEU A 89 25.12 2.46 -11.11
N GLY A 90 25.79 2.88 -10.03
CA GLY A 90 25.20 3.88 -9.16
C GLY A 90 25.00 5.21 -9.87
N THR A 91 26.01 5.65 -10.64
CA THR A 91 25.88 6.90 -11.37
C THR A 91 24.75 6.82 -12.40
N SER A 92 24.71 5.74 -13.18
CA SER A 92 23.68 5.59 -14.20
C SER A 92 22.30 5.46 -13.57
N LEU A 93 22.21 4.81 -12.41
CA LEU A 93 20.92 4.64 -11.75
C LEU A 93 20.43 5.97 -11.19
N GLY A 94 21.33 6.79 -10.65
CA GLY A 94 20.93 8.13 -10.24
C GLY A 94 20.43 8.96 -11.41
N ASN A 95 21.14 8.90 -12.54
CA ASN A 95 20.70 9.64 -13.72
C ASN A 95 19.33 9.16 -14.20
N ILE A 96 19.14 7.84 -14.25
CA ILE A 96 17.87 7.30 -14.73
C ILE A 96 16.74 7.63 -13.75
N THR A 97 17.03 7.63 -12.45
CA THR A 97 16.01 7.99 -11.47
C THR A 97 15.61 9.44 -11.63
N ARG A 98 16.58 10.33 -11.83
CA ARG A 98 16.26 11.74 -12.08
C ARG A 98 15.41 11.89 -13.33
N ASP A 99 15.80 11.22 -14.41
CA ASP A 99 15.05 11.33 -15.67
C ASP A 99 13.63 10.81 -15.52
N GLN A 100 13.46 9.69 -14.79
CA GLN A 100 12.13 9.11 -14.62
C GLN A 100 11.27 9.96 -13.70
N LYS A 101 11.86 10.57 -12.67
CA LYS A 101 11.11 11.49 -11.83
C LYS A 101 10.69 12.72 -12.60
N ILE A 102 11.51 13.17 -13.55
CA ILE A 102 11.13 14.31 -14.37
C ILE A 102 10.01 13.94 -15.35
N LEU A 103 10.11 12.76 -15.95
CA LEU A 103 9.17 12.39 -17.01
C LEU A 103 7.83 11.89 -16.48
N ASN A 104 7.84 11.00 -15.48
CA ASN A 104 6.62 10.38 -14.98
C ASN A 104 6.62 10.46 -13.45
N PRO A 105 6.07 11.54 -12.90
CA PRO A 105 6.00 11.67 -11.43
C PRO A 105 4.87 10.88 -10.79
N SER A 106 4.01 10.23 -11.58
CA SER A 106 2.88 9.51 -11.01
C SER A 106 3.30 8.20 -10.35
N ALA A 107 4.27 7.50 -10.94
CA ALA A 107 4.70 6.23 -10.40
C ALA A 107 5.48 6.43 -9.11
N LEU A 108 5.26 5.55 -8.14
CA LEU A 108 5.93 5.60 -6.85
C LEU A 108 6.67 4.31 -6.51
N SER A 109 6.11 3.15 -6.88
CA SER A 109 6.79 1.89 -6.62
C SER A 109 8.10 1.80 -7.40
N LEU A 110 8.11 2.33 -8.62
CA LEU A 110 9.34 2.34 -9.40
C LEU A 110 10.43 3.17 -8.72
N HIS A 111 10.06 4.36 -8.22
CA HIS A 111 11.03 5.20 -7.52
C HIS A 111 11.50 4.55 -6.24
N SER A 112 10.60 3.89 -5.51
CA SER A 112 10.99 3.20 -4.28
C SER A 112 11.96 2.07 -4.58
N LYS A 113 11.70 1.29 -5.64
CA LYS A 113 12.60 0.22 -6.02
C LYS A 113 13.96 0.76 -6.45
N LEU A 114 13.95 1.89 -7.19
CA LEU A 114 15.21 2.51 -7.58
C LEU A 114 16.01 2.95 -6.37
N ASN A 115 15.35 3.58 -5.39
CA ASN A 115 16.05 4.02 -4.18
C ASN A 115 16.60 2.84 -3.40
N ALA A 116 15.81 1.77 -3.26
CA ALA A 116 16.28 0.59 -2.55
C ALA A 116 17.48 -0.04 -3.26
N THR A 117 17.42 -0.12 -4.60
CA THR A 117 18.54 -0.68 -5.35
C THR A 117 19.79 0.19 -5.19
N ALA A 118 19.63 1.52 -5.21
CA ALA A 118 20.77 2.39 -5.02
C ALA A 118 21.37 2.24 -3.62
N ASP A 119 20.52 2.07 -2.62
CA ASP A 119 21.01 1.87 -1.25
C ASP A 119 21.79 0.56 -1.14
N ILE A 120 21.25 -0.52 -1.72
CA ILE A 120 21.96 -1.79 -1.67
C ILE A 120 23.27 -1.72 -2.45
N LEU A 121 23.28 -0.98 -3.57
CA LEU A 121 24.51 -0.83 -4.34
C LEU A 121 25.56 -0.06 -3.53
N ARG A 122 25.14 0.99 -2.83
CA ARG A 122 26.08 1.74 -1.99
C ARG A 122 26.60 0.88 -0.85
N GLY A 123 25.73 0.05 -0.27
CA GLY A 123 26.19 -0.86 0.78
C GLY A 123 27.20 -1.87 0.28
N LEU A 124 26.94 -2.46 -0.90
CA LEU A 124 27.90 -3.39 -1.49
C LEU A 124 29.21 -2.69 -1.83
N LEU A 125 29.12 -1.44 -2.29
CA LEU A 125 30.32 -0.66 -2.59
C LEU A 125 31.16 -0.46 -1.33
N SER A 126 30.51 -0.06 -0.24
CA SER A 126 31.22 0.12 1.02
C SER A 126 31.85 -1.18 1.49
N ASN A 127 31.11 -2.29 1.39
CA ASN A 127 31.63 -3.58 1.82
C ASN A 127 32.86 -3.98 1.01
N VAL A 128 32.78 -3.85 -0.32
CA VAL A 128 33.89 -4.29 -1.16
C VAL A 128 35.10 -3.36 -0.99
N LEU A 129 34.86 -2.06 -0.77
CA LEU A 129 35.96 -1.15 -0.49
C LEU A 129 36.64 -1.51 0.83
N CYS A 130 35.83 -1.81 1.86
CA CYS A 130 36.36 -2.24 3.15
C CYS A 130 37.21 -3.49 3.00
N ARG A 131 36.70 -4.48 2.26
CA ARG A 131 37.43 -5.73 2.07
C ARG A 131 38.74 -5.51 1.32
N LEU A 132 38.68 -4.73 0.23
CA LEU A 132 39.87 -4.51 -0.57
C LEU A 132 40.93 -3.70 0.18
N CYS A 133 40.51 -2.76 1.02
CA CYS A 133 41.46 -1.97 1.78
C CYS A 133 41.99 -2.69 3.02
N SER A 134 41.25 -3.67 3.53
CA SER A 134 41.73 -4.43 4.68
C SER A 134 42.55 -5.65 4.29
N LYS A 135 42.34 -6.19 3.09
CA LYS A 135 43.01 -7.43 2.69
C LYS A 135 44.29 -7.16 1.90
N TYR A 136 44.18 -6.46 0.77
CA TYR A 136 45.30 -6.27 -0.13
C TYR A 136 46.01 -4.93 0.04
N HIS A 137 45.38 -3.97 0.74
CA HIS A 137 45.96 -2.64 0.96
C HIS A 137 46.31 -1.95 -0.36
N VAL A 138 45.27 -1.80 -1.19
CA VAL A 138 45.46 -1.17 -2.49
C VAL A 138 45.68 0.33 -2.36
N GLY A 139 45.22 0.94 -1.26
CA GLY A 139 45.41 2.36 -1.04
C GLY A 139 44.46 3.23 -1.85
N HIS A 140 44.62 3.24 -3.17
CA HIS A 140 43.81 4.05 -4.05
C HIS A 140 43.42 3.25 -5.29
N VAL A 141 42.31 3.65 -5.90
CA VAL A 141 41.81 3.02 -7.12
C VAL A 141 41.64 4.08 -8.20
N ASP A 142 41.59 3.63 -9.45
CA ASP A 142 41.43 4.51 -10.59
C ASP A 142 39.99 4.43 -11.09
N VAL A 143 39.30 5.56 -11.11
CA VAL A 143 37.92 5.65 -11.54
C VAL A 143 37.80 6.70 -12.63
N THR A 144 37.10 6.37 -13.70
CA THR A 144 36.91 7.26 -14.84
C THR A 144 35.44 7.69 -14.91
N TYR A 145 35.21 9.00 -14.98
CA TYR A 145 33.87 9.55 -15.06
C TYR A 145 33.58 10.02 -16.47
N GLY A 146 32.32 9.88 -16.88
CA GLY A 146 31.90 10.27 -18.21
C GLY A 146 30.79 11.29 -18.19
N PRO A 147 30.31 11.68 -19.38
CA PRO A 147 29.21 12.65 -19.46
C PRO A 147 27.86 12.05 -19.13
N ASP A 148 26.78 12.82 -19.30
CA ASP A 148 25.45 12.32 -19.01
C ASP A 148 25.05 11.21 -19.96
N THR A 149 25.52 11.26 -21.22
CA THR A 149 25.33 10.22 -22.23
C THR A 149 23.87 9.97 -22.56
N SER A 150 22.96 10.78 -22.02
CA SER A 150 21.54 10.61 -22.30
C SER A 150 20.83 11.94 -22.04
N GLY A 151 20.38 12.59 -23.09
CA GLY A 151 19.67 13.85 -22.93
C GLY A 151 19.19 14.38 -24.25
N LYS A 152 18.43 15.48 -24.15
CA LYS A 152 17.94 16.28 -25.28
C LYS A 152 16.92 15.54 -26.14
N ASP A 153 16.69 14.24 -25.87
CA ASP A 153 15.76 13.42 -26.62
C ASP A 153 15.01 12.53 -25.64
N VAL A 154 13.68 12.65 -25.61
CA VAL A 154 12.89 11.86 -24.67
C VAL A 154 12.90 10.39 -25.08
N PHE A 155 12.70 10.11 -26.36
CA PHE A 155 12.70 8.73 -26.82
C PHE A 155 14.06 8.08 -26.66
N GLN A 156 15.13 8.82 -26.96
CA GLN A 156 16.48 8.28 -26.76
C GLN A 156 16.75 8.06 -25.28
N LYS A 157 16.27 8.96 -24.42
CA LYS A 157 16.38 8.76 -22.98
C LYS A 157 15.73 7.44 -22.56
N LYS A 158 14.49 7.22 -23.00
CA LYS A 158 13.77 6.01 -22.63
C LYS A 158 14.49 4.76 -23.14
N LYS A 159 14.91 4.79 -24.41
CA LYS A 159 15.57 3.61 -24.99
C LYS A 159 16.89 3.32 -24.29
N LEU A 160 17.70 4.34 -24.05
CA LEU A 160 18.98 4.14 -23.39
C LEU A 160 18.77 3.65 -21.96
N GLY A 161 17.77 4.18 -21.26
CA GLY A 161 17.49 3.69 -19.91
C GLY A 161 17.07 2.24 -19.89
N CYS A 162 16.21 1.84 -20.82
CA CYS A 162 15.76 0.45 -20.85
C CYS A 162 16.90 -0.49 -21.23
N GLN A 163 17.73 -0.09 -22.19
CA GLN A 163 18.88 -0.91 -22.56
C GLN A 163 19.88 -1.02 -21.41
N LEU A 164 20.10 0.08 -20.69
CA LEU A 164 20.99 0.04 -19.54
C LEU A 164 20.45 -0.87 -18.45
N LEU A 165 19.14 -0.82 -18.21
CA LEU A 165 18.56 -1.70 -17.18
C LEU A 165 18.64 -3.16 -17.60
N GLY A 166 18.46 -3.44 -18.88
CA GLY A 166 18.61 -4.82 -19.35
C GLY A 166 20.04 -5.31 -19.20
N LYS A 167 21.01 -4.48 -19.58
CA LYS A 167 22.41 -4.85 -19.41
C LYS A 167 22.76 -5.03 -17.94
N TYR A 168 22.19 -4.20 -17.07
CA TYR A 168 22.43 -4.33 -15.63
C TYR A 168 21.84 -5.61 -15.09
N LYS A 169 20.63 -5.97 -15.53
CA LYS A 169 20.06 -7.25 -15.13
C LYS A 169 20.93 -8.42 -15.58
N GLN A 170 21.42 -8.37 -16.83
CA GLN A 170 22.28 -9.44 -17.32
C GLN A 170 23.57 -9.54 -16.52
N ILE A 171 24.22 -8.40 -16.26
CA ILE A 171 25.50 -8.43 -15.57
C ILE A 171 25.33 -8.82 -14.11
N ILE A 172 24.20 -8.49 -13.49
CA ILE A 172 24.00 -8.91 -12.11
C ILE A 172 23.64 -10.39 -12.04
N ALA A 173 22.92 -10.92 -13.04
CA ALA A 173 22.69 -12.35 -13.10
C ALA A 173 23.99 -13.12 -13.31
N VAL A 174 24.93 -12.52 -14.06
CA VAL A 174 26.24 -13.15 -14.22
C VAL A 174 27.03 -13.09 -12.93
N LEU A 175 27.03 -11.93 -12.26
CA LEU A 175 27.81 -11.76 -11.04
C LEU A 175 27.27 -12.61 -9.89
N ALA A 176 25.97 -12.88 -9.88
CA ALA A 176 25.40 -13.73 -8.84
C ALA A 176 26.01 -15.13 -8.87
N GLN A 177 26.33 -15.64 -10.06
CA GLN A 177 26.97 -16.94 -10.20
C GLN A 177 28.49 -16.83 -10.15
N ALA A 178 29.06 -15.70 -10.54
CA ALA A 178 30.51 -15.54 -10.52
C ALA A 178 31.06 -15.60 -9.10
N PHE A 179 30.43 -14.88 -8.17
CA PHE A 179 30.87 -14.90 -6.78
C PHE A 179 30.04 -15.87 -5.95
N LEU B 102 28.39 17.36 39.55
CA LEU B 102 27.65 16.12 39.39
C LEU B 102 27.73 15.61 37.95
N PRO B 103 28.83 14.95 37.61
CA PRO B 103 28.98 14.43 36.24
C PRO B 103 28.13 13.19 36.04
N PRO B 104 27.39 13.11 34.93
CA PRO B 104 26.57 11.92 34.68
C PRO B 104 27.44 10.70 34.44
N GLU B 105 27.03 9.57 34.99
CA GLU B 105 27.78 8.33 34.83
C GLU B 105 27.62 7.80 33.41
N LYS B 106 28.46 6.82 33.07
CA LYS B 106 28.47 6.22 31.75
C LYS B 106 27.11 5.62 31.40
N PRO B 107 26.46 6.07 30.33
CA PRO B 107 25.19 5.45 29.93
C PRO B 107 25.41 4.08 29.31
N LYS B 108 25.56 3.05 30.15
CA LYS B 108 25.96 1.73 29.71
C LYS B 108 24.75 0.88 29.36
N ASN B 109 25.00 -0.42 29.19
CA ASN B 109 24.03 -1.48 28.91
C ASN B 109 23.50 -1.43 27.49
N LEU B 110 23.71 -0.31 26.81
CA LEU B 110 23.77 -0.16 25.35
C LEU B 110 22.88 -1.16 24.62
N SER B 111 21.59 -1.14 24.96
CA SER B 111 20.63 -2.01 24.30
C SER B 111 20.22 -1.42 22.95
N CYS B 112 19.92 -2.29 21.99
CA CYS B 112 19.51 -1.81 20.68
C CYS B 112 18.71 -2.90 19.97
N ILE B 113 17.77 -2.49 19.12
CA ILE B 113 16.87 -3.39 18.42
C ILE B 113 16.59 -2.83 17.03
N VAL B 114 16.44 -3.72 16.06
CA VAL B 114 16.10 -3.37 14.68
C VAL B 114 14.73 -3.96 14.35
N ASN B 115 13.95 -3.22 13.56
CA ASN B 115 12.63 -3.64 13.15
C ASN B 115 12.57 -3.79 11.63
N GLU B 116 11.85 -4.80 11.17
CA GLU B 116 11.71 -5.04 9.74
C GLU B 116 10.74 -4.04 9.12
N GLY B 117 11.08 -3.52 7.95
CA GLY B 117 10.23 -2.58 7.24
C GLY B 117 10.28 -1.16 7.78
N LYS B 118 10.92 -0.94 8.93
CA LYS B 118 11.06 0.38 9.52
C LYS B 118 12.51 0.59 9.89
N LYS B 119 12.79 1.72 10.55
CA LYS B 119 14.15 2.02 10.96
C LYS B 119 14.43 1.45 12.35
N MET B 120 15.71 1.31 12.65
CA MET B 120 16.18 0.72 13.90
C MET B 120 16.15 1.76 15.01
N ARG B 121 16.48 1.30 16.22
CA ARG B 121 16.54 2.16 17.40
C ARG B 121 17.39 1.49 18.46
N CYS B 122 18.18 2.29 19.17
CA CYS B 122 19.08 1.78 20.19
C CYS B 122 18.75 2.44 21.53
N GLU B 123 18.92 1.69 22.61
CA GLU B 123 18.60 2.13 23.95
C GLU B 123 19.86 2.24 24.80
N TRP B 124 19.70 2.74 26.02
CA TRP B 124 20.81 2.90 26.94
C TRP B 124 20.27 2.91 28.37
N ASP B 125 21.16 3.19 29.32
CA ASP B 125 20.81 3.32 30.72
C ASP B 125 20.87 4.78 31.14
N GLY B 126 20.06 5.14 32.14
CA GLY B 126 19.98 6.51 32.59
C GLY B 126 21.04 6.89 33.60
N GLY B 127 21.10 6.17 34.71
CA GLY B 127 22.03 6.50 35.77
C GLY B 127 21.40 7.36 36.86
N ARG B 128 22.19 8.24 37.46
CA ARG B 128 21.66 9.12 38.50
C ARG B 128 20.95 10.31 37.87
N GLU B 129 20.16 11.00 38.70
CA GLU B 129 19.38 12.14 38.22
C GLU B 129 20.28 13.32 37.86
N THR B 130 21.33 13.54 38.66
CA THR B 130 22.38 14.56 38.51
C THR B 130 21.82 15.98 38.54
N HIS B 131 20.50 16.11 38.69
CA HIS B 131 19.82 17.39 38.89
C HIS B 131 20.16 18.41 37.80
N LEU B 132 20.53 17.95 36.61
CA LEU B 132 20.88 18.85 35.52
C LEU B 132 20.35 18.30 34.21
N GLU B 133 20.04 19.20 33.28
CA GLU B 133 19.56 18.80 31.97
C GLU B 133 20.70 18.23 31.14
N THR B 134 20.40 17.14 30.42
CA THR B 134 21.39 16.49 29.57
C THR B 134 20.75 16.13 28.24
N ASN B 135 21.58 16.06 27.20
CA ASN B 135 21.13 15.71 25.85
C ASN B 135 22.03 14.59 25.33
N PHE B 136 21.46 13.40 25.19
CA PHE B 136 22.21 12.25 24.70
C PHE B 136 22.36 12.33 23.19
N THR B 137 23.60 12.20 22.71
CA THR B 137 23.91 12.29 21.29
C THR B 137 24.42 10.93 20.82
N LEU B 138 23.54 10.15 20.20
CA LEU B 138 23.93 8.85 19.66
C LEU B 138 24.73 9.03 18.37
N LYS B 139 25.61 8.08 18.11
CA LYS B 139 26.51 8.15 16.96
C LYS B 139 26.37 6.89 16.11
N SER B 140 26.77 7.03 14.86
CA SER B 140 26.76 5.91 13.91
C SER B 140 28.07 5.95 13.12
N GLU B 141 28.50 4.77 12.67
CA GLU B 141 29.79 4.66 11.99
C GLU B 141 29.79 3.40 11.13
N TRP B 142 29.89 3.58 9.82
CA TRP B 142 30.04 2.47 8.88
C TRP B 142 31.48 2.05 8.67
N ALA B 143 32.41 2.62 9.45
CA ALA B 143 33.87 2.46 9.33
C ALA B 143 34.42 3.13 8.09
N THR B 144 33.57 3.69 7.22
CA THR B 144 34.03 4.41 6.04
C THR B 144 33.38 5.78 5.97
N HIS B 145 32.12 5.87 6.40
CA HIS B 145 31.37 7.12 6.36
C HIS B 145 30.33 7.11 7.46
N LYS B 146 30.18 8.24 8.14
CA LYS B 146 29.23 8.39 9.22
C LYS B 146 27.98 9.10 8.73
N PHE B 147 27.02 9.29 9.65
CA PHE B 147 25.76 9.95 9.31
C PHE B 147 25.36 10.94 10.39
N ALA B 148 24.13 11.44 10.32
CA ALA B 148 23.66 12.41 11.29
C ALA B 148 23.54 11.77 12.67
N ASP B 149 23.70 12.59 13.71
CA ASP B 149 23.67 12.13 15.08
C ASP B 149 22.24 12.10 15.61
N CYS B 150 21.87 11.02 16.28
CA CYS B 150 20.54 10.88 16.85
C CYS B 150 20.39 11.81 18.05
N LYS B 151 19.47 12.76 17.95
CA LYS B 151 19.20 13.71 19.04
C LYS B 151 17.96 13.25 19.79
N ALA B 152 18.13 12.88 21.05
CA ALA B 152 17.00 12.43 21.86
C ALA B 152 16.10 13.60 22.20
N LYS B 153 14.80 13.44 21.92
CA LYS B 153 13.84 14.49 22.21
C LYS B 153 13.69 14.67 23.72
N ARG B 154 13.64 15.94 24.15
CA ARG B 154 13.63 16.23 25.58
C ARG B 154 12.34 15.76 26.26
N ASP B 155 11.25 15.65 25.52
CA ASP B 155 9.98 15.25 26.13
C ASP B 155 9.99 13.77 26.49
N THR B 156 10.54 12.93 25.62
CA THR B 156 10.63 11.48 25.86
C THR B 156 11.91 10.94 25.26
N PRO B 157 13.05 11.15 25.93
CA PRO B 157 14.33 10.62 25.44
C PRO B 157 14.53 9.15 25.83
N THR B 158 13.79 8.27 25.16
CA THR B 158 13.79 6.87 25.58
C THR B 158 14.83 6.03 24.84
N SER B 159 14.74 5.92 23.52
CA SER B 159 15.70 5.14 22.76
C SER B 159 16.50 6.00 21.78
N CYS B 160 15.86 6.59 20.77
CA CYS B 160 16.57 7.31 19.71
C CYS B 160 15.55 7.83 18.71
N THR B 161 16.05 8.65 17.78
CA THR B 161 15.30 9.08 16.59
C THR B 161 16.28 9.08 15.43
N VAL B 162 16.35 7.96 14.70
CA VAL B 162 17.26 7.82 13.56
C VAL B 162 16.66 8.48 12.33
N ASP B 163 17.48 8.68 11.30
CA ASP B 163 17.04 9.28 10.04
C ASP B 163 17.49 8.55 8.80
N TYR B 164 18.44 7.62 8.89
CA TYR B 164 18.97 6.92 7.74
C TYR B 164 18.31 5.55 7.60
N SER B 165 18.17 5.10 6.36
CA SER B 165 17.58 3.80 6.09
C SER B 165 18.52 2.68 6.51
N THR B 166 17.93 1.56 6.94
CA THR B 166 18.72 0.42 7.41
C THR B 166 19.09 -0.48 6.25
N VAL B 167 20.35 -0.94 6.26
CA VAL B 167 20.86 -1.88 5.26
C VAL B 167 21.47 -3.06 6.00
N TYR B 168 21.23 -4.26 5.48
CA TYR B 168 21.69 -5.48 6.12
C TYR B 168 23.09 -5.84 5.65
N PHE B 169 23.71 -6.78 6.38
CA PHE B 169 25.03 -7.32 6.07
C PHE B 169 26.12 -6.25 6.07
N VAL B 170 25.90 -5.15 6.78
CA VAL B 170 26.87 -4.07 6.91
C VAL B 170 26.96 -3.70 8.38
N ASN B 171 28.13 -3.94 8.99
CA ASN B 171 28.29 -3.64 10.40
C ASN B 171 28.29 -2.12 10.64
N ILE B 172 27.97 -1.75 11.87
CA ILE B 172 27.89 -0.34 12.26
C ILE B 172 28.23 -0.25 13.74
N GLU B 173 29.01 0.77 14.11
CA GLU B 173 29.41 1.00 15.48
C GLU B 173 28.57 2.12 16.06
N VAL B 174 27.86 1.84 17.16
CA VAL B 174 26.95 2.78 17.79
C VAL B 174 27.35 2.94 19.25
N TRP B 175 27.35 4.19 19.73
CA TRP B 175 27.63 4.47 21.13
C TRP B 175 26.90 5.73 21.55
N VAL B 176 26.73 5.89 22.85
CA VAL B 176 25.98 7.00 23.43
C VAL B 176 26.95 8.03 23.98
N GLU B 177 26.61 9.31 23.81
CA GLU B 177 27.43 10.41 24.31
C GLU B 177 26.53 11.36 25.09
N ALA B 178 26.83 11.53 26.38
CA ALA B 178 26.08 12.41 27.25
C ALA B 178 27.01 13.44 27.87
N GLU B 179 26.51 14.67 28.03
CA GLU B 179 27.31 15.75 28.59
C GLU B 179 26.40 16.77 29.26
N ASN B 180 26.68 17.06 30.53
CA ASN B 180 26.00 18.09 31.28
C ASN B 180 26.83 19.37 31.25
N ALA B 181 26.46 20.34 32.09
CA ALA B 181 27.14 21.63 32.10
C ALA B 181 28.60 21.52 32.53
N LEU B 182 28.99 20.46 33.23
CA LEU B 182 30.35 20.29 33.72
C LEU B 182 30.78 18.84 33.53
N GLY B 183 31.67 18.61 32.57
CA GLY B 183 32.18 17.28 32.30
C GLY B 183 31.66 16.72 30.99
N LYS B 184 32.37 15.71 30.49
CA LYS B 184 32.01 15.01 29.26
C LYS B 184 32.48 13.57 29.35
N VAL B 185 31.60 12.64 28.97
CA VAL B 185 31.90 11.22 29.06
C VAL B 185 31.14 10.50 27.95
N THR B 186 31.77 9.48 27.38
CA THR B 186 31.18 8.68 26.32
C THR B 186 31.05 7.23 26.77
N SER B 187 30.02 6.56 26.25
CA SER B 187 29.77 5.16 26.58
C SER B 187 30.67 4.25 25.75
N ASP B 188 30.56 2.94 26.01
CA ASP B 188 31.35 1.96 25.28
C ASP B 188 30.80 1.77 23.86
N HIS B 189 31.58 1.09 23.04
CA HIS B 189 31.26 0.87 21.64
C HIS B 189 31.03 -0.62 21.39
N ILE B 190 30.11 -0.91 20.48
CA ILE B 190 29.84 -2.28 20.05
C ILE B 190 29.77 -2.30 18.53
N ASN B 191 30.11 -3.47 17.96
CA ASN B 191 30.05 -3.70 16.52
C ASN B 191 29.13 -4.89 16.28
N PHE B 192 27.97 -4.64 15.67
CA PHE B 192 26.97 -5.67 15.45
C PHE B 192 26.42 -5.55 14.04
N ASP B 193 25.80 -6.64 13.58
CA ASP B 193 25.19 -6.68 12.27
C ASP B 193 23.69 -6.46 12.40
N PRO B 194 23.11 -5.48 11.71
CA PRO B 194 21.65 -5.23 11.85
C PRO B 194 20.78 -6.34 11.30
N VAL B 195 21.36 -7.34 10.61
CA VAL B 195 20.56 -8.45 10.10
C VAL B 195 20.19 -9.44 11.19
N TYR B 196 20.93 -9.45 12.31
CA TYR B 196 20.62 -10.38 13.39
C TYR B 196 19.49 -9.86 14.28
N LYS B 197 19.46 -8.56 14.52
CA LYS B 197 18.45 -7.95 15.39
C LYS B 197 17.11 -7.75 14.70
N VAL B 198 16.91 -8.33 13.52
CA VAL B 198 15.66 -8.13 12.78
C VAL B 198 14.52 -8.83 13.51
N LYS B 199 13.42 -8.11 13.71
CA LYS B 199 12.21 -8.67 14.30
C LYS B 199 11.19 -8.91 13.20
N PRO B 200 11.01 -10.15 12.73
CA PRO B 200 10.11 -10.39 11.60
C PRO B 200 8.65 -10.14 11.96
N ASN B 201 7.79 -10.22 10.93
CA ASN B 201 6.35 -10.07 11.04
C ASN B 201 5.67 -11.42 11.16
N PRO B 202 4.53 -11.50 11.86
CA PRO B 202 3.86 -12.78 12.02
C PRO B 202 3.21 -13.21 10.72
N PRO B 203 3.09 -14.51 10.48
CA PRO B 203 2.39 -14.98 9.28
C PRO B 203 0.92 -14.61 9.31
N HIS B 204 0.35 -14.48 8.12
CA HIS B 204 -1.04 -14.08 7.96
C HIS B 204 -1.81 -15.12 7.16
N ASN B 205 -3.13 -15.08 7.32
CA ASN B 205 -4.06 -15.94 6.58
C ASN B 205 -3.76 -17.42 6.83
N LEU B 206 -3.90 -17.82 8.09
CA LEU B 206 -3.74 -19.21 8.48
C LEU B 206 -4.99 -19.99 8.12
N SER B 207 -4.82 -21.12 7.43
CA SER B 207 -5.92 -21.94 6.97
C SER B 207 -5.83 -23.34 7.56
N VAL B 208 -6.99 -23.92 7.86
CA VAL B 208 -7.10 -25.26 8.42
C VAL B 208 -8.15 -26.03 7.63
N ILE B 209 -7.78 -27.21 7.14
CA ILE B 209 -8.68 -28.08 6.39
C ILE B 209 -8.56 -29.49 6.93
N ASN B 210 -9.68 -30.20 6.99
CA ASN B 210 -9.71 -31.57 7.50
C ASN B 210 -9.43 -32.57 6.39
N SER B 211 -8.97 -33.75 6.80
CA SER B 211 -8.68 -34.83 5.87
C SER B 211 -9.88 -35.76 5.74
N GLU B 212 -9.92 -36.49 4.63
CA GLU B 212 -11.02 -37.42 4.35
C GLU B 212 -10.68 -38.79 4.94
N GLU B 213 -11.63 -39.35 5.68
CA GLU B 213 -11.58 -40.68 6.31
C GLU B 213 -10.54 -40.75 7.42
N LEU B 214 -9.78 -39.68 7.67
CA LEU B 214 -8.76 -39.66 8.71
C LEU B 214 -9.10 -38.54 9.68
N SER B 215 -9.20 -38.88 10.97
CA SER B 215 -9.56 -37.90 11.99
C SER B 215 -8.35 -37.32 12.69
N SER B 216 -7.32 -38.13 12.91
CA SER B 216 -6.14 -37.65 13.62
C SER B 216 -5.29 -36.73 12.75
N ILE B 217 -5.23 -37.02 11.45
CA ILE B 217 -4.37 -36.25 10.55
C ILE B 217 -5.10 -34.98 10.12
N LEU B 218 -4.45 -33.83 10.34
CA LEU B 218 -4.96 -32.54 9.91
C LEU B 218 -3.90 -31.84 9.09
N LYS B 219 -4.30 -30.74 8.43
CA LYS B 219 -3.40 -29.97 7.59
C LYS B 219 -3.39 -28.52 8.05
N LEU B 220 -2.21 -27.91 8.02
CA LEU B 220 -2.01 -26.53 8.43
C LEU B 220 -1.21 -25.80 7.36
N THR B 221 -1.81 -24.78 6.76
CA THR B 221 -1.17 -23.98 5.72
C THR B 221 -1.17 -22.52 6.12
N TRP B 222 -0.08 -21.82 5.82
CA TRP B 222 0.06 -20.41 6.15
C TRP B 222 0.82 -19.72 5.02
N THR B 223 1.05 -18.43 5.19
CA THR B 223 1.77 -17.61 4.22
C THR B 223 2.94 -16.93 4.91
N ASN B 224 4.14 -17.14 4.39
CA ASN B 224 5.32 -16.54 4.98
C ASN B 224 5.40 -15.06 4.64
N PRO B 225 6.00 -14.24 5.52
CA PRO B 225 6.13 -12.81 5.23
C PRO B 225 7.13 -12.52 4.12
N SER B 226 7.33 -11.23 3.82
CA SER B 226 8.24 -10.84 2.75
C SER B 226 9.71 -11.02 3.12
N ILE B 227 10.02 -11.29 4.39
CA ILE B 227 11.40 -11.47 4.82
C ILE B 227 11.93 -12.87 4.55
N LYS B 228 11.10 -13.77 4.01
CA LYS B 228 11.54 -15.13 3.76
C LYS B 228 12.62 -15.21 2.69
N SER B 229 12.74 -14.19 1.84
CA SER B 229 13.74 -14.22 0.78
C SER B 229 15.13 -13.84 1.28
N VAL B 230 15.21 -13.09 2.37
CA VAL B 230 16.51 -12.65 2.90
C VAL B 230 17.05 -13.63 3.92
N ILE B 231 16.25 -13.99 4.92
CA ILE B 231 16.68 -14.85 6.00
C ILE B 231 15.87 -16.14 5.97
N ILE B 232 16.30 -17.11 6.77
CA ILE B 232 15.63 -18.40 6.90
C ILE B 232 14.80 -18.37 8.17
N LEU B 233 13.52 -18.66 8.04
CA LEU B 233 12.58 -18.57 9.15
C LEU B 233 12.39 -19.92 9.82
N LYS B 234 12.23 -19.90 11.14
CA LYS B 234 11.87 -21.08 11.92
C LYS B 234 10.57 -20.78 12.67
N TYR B 235 9.74 -21.80 12.83
CA TYR B 235 8.39 -21.62 13.33
C TYR B 235 8.23 -22.29 14.70
N ASN B 236 7.22 -21.80 15.44
CA ASN B 236 6.86 -22.35 16.74
C ASN B 236 5.34 -22.33 16.84
N ILE B 237 4.72 -23.51 16.83
CA ILE B 237 3.27 -23.64 16.80
C ILE B 237 2.79 -24.21 18.12
N GLN B 238 1.72 -23.62 18.65
CA GLN B 238 1.07 -24.10 19.87
C GLN B 238 -0.40 -24.35 19.58
N TYR B 239 -0.91 -25.49 20.03
CA TYR B 239 -2.28 -25.90 19.75
C TYR B 239 -2.99 -26.29 21.04
N ARG B 240 -4.30 -26.07 21.05
CA ARG B 240 -5.15 -26.46 22.17
C ARG B 240 -6.54 -26.77 21.64
N THR B 241 -7.36 -27.37 22.49
CA THR B 241 -8.71 -27.76 22.12
C THR B 241 -9.61 -26.53 22.09
N LYS B 242 -10.91 -26.75 21.87
CA LYS B 242 -11.85 -25.64 21.79
C LYS B 242 -11.92 -24.86 23.10
N ASP B 243 -11.78 -25.54 24.24
CA ASP B 243 -11.83 -24.91 25.56
C ASP B 243 -10.68 -25.43 26.40
N ALA B 244 -9.56 -24.71 26.40
CA ALA B 244 -8.39 -25.08 27.16
C ALA B 244 -7.70 -23.83 27.71
N SER B 245 -7.09 -23.97 28.87
CA SER B 245 -6.38 -22.86 29.51
C SER B 245 -4.90 -22.85 29.15
N THR B 246 -4.27 -24.02 29.08
CA THR B 246 -2.86 -24.12 28.76
C THR B 246 -2.71 -24.77 27.38
N TRP B 247 -1.87 -24.17 26.54
CA TRP B 247 -1.65 -24.69 25.20
C TRP B 247 -0.67 -25.86 25.24
N SER B 248 -0.62 -26.59 24.13
CA SER B 248 0.29 -27.72 23.96
C SER B 248 1.40 -27.32 23.01
N GLN B 249 2.65 -27.54 23.43
CA GLN B 249 3.80 -27.13 22.66
C GLN B 249 4.18 -28.22 21.66
N ILE B 250 4.32 -27.82 20.40
CA ILE B 250 4.79 -28.73 19.35
C ILE B 250 6.31 -28.79 19.43
N PRO B 251 6.91 -29.98 19.31
CA PRO B 251 8.38 -30.09 19.35
C PRO B 251 9.02 -29.19 18.32
N PRO B 252 9.86 -28.25 18.75
CA PRO B 252 10.48 -27.31 17.79
C PRO B 252 11.45 -27.97 16.83
N GLU B 253 11.84 -29.22 17.06
CA GLU B 253 12.76 -29.90 16.14
C GLU B 253 12.12 -30.17 14.80
N ASP B 254 10.79 -30.24 14.72
CA ASP B 254 10.12 -30.45 13.45
C ASP B 254 10.09 -29.18 12.61
N THR B 255 9.59 -28.09 13.19
CA THR B 255 9.51 -26.80 12.49
C THR B 255 10.80 -26.00 12.73
N ALA B 256 11.86 -26.46 12.08
CA ALA B 256 13.18 -25.83 12.19
C ALA B 256 13.69 -25.33 10.85
N SER B 257 12.86 -25.35 9.80
CA SER B 257 13.26 -24.89 8.47
C SER B 257 12.10 -24.14 7.84
N THR B 258 12.39 -23.49 6.72
CA THR B 258 11.38 -22.72 5.99
C THR B 258 10.43 -23.68 5.27
N ARG B 259 9.18 -23.75 5.72
CA ARG B 259 8.18 -24.61 5.12
C ARG B 259 6.86 -23.86 5.04
N SER B 260 6.06 -24.21 4.02
CA SER B 260 4.79 -23.55 3.80
C SER B 260 3.60 -24.29 4.41
N SER B 261 3.73 -25.58 4.66
CA SER B 261 2.62 -26.37 5.20
C SER B 261 3.16 -27.37 6.21
N PHE B 262 2.28 -27.80 7.12
CA PHE B 262 2.62 -28.79 8.12
C PHE B 262 1.37 -29.59 8.46
N THR B 263 1.59 -30.87 8.79
CA THR B 263 0.50 -31.80 9.08
C THR B 263 0.56 -32.22 10.53
N VAL B 264 -0.56 -32.11 11.23
CA VAL B 264 -0.69 -32.53 12.62
C VAL B 264 -1.35 -33.89 12.65
N GLN B 265 -0.92 -34.75 13.58
CA GLN B 265 -1.44 -36.10 13.68
C GLN B 265 -1.72 -36.40 15.16
N ASP B 266 -1.97 -37.68 15.44
CA ASP B 266 -2.32 -38.19 16.77
C ASP B 266 -3.28 -37.26 17.50
N LEU B 267 -4.44 -37.06 16.88
CA LEU B 267 -5.49 -36.21 17.42
C LEU B 267 -6.78 -37.01 17.58
N LYS B 268 -7.60 -36.59 18.53
CA LYS B 268 -8.85 -37.29 18.81
C LYS B 268 -9.94 -36.86 17.81
N PRO B 269 -10.82 -37.79 17.44
CA PRO B 269 -11.85 -37.47 16.46
C PRO B 269 -12.94 -36.57 17.03
N PHE B 270 -13.47 -35.70 16.17
CA PHE B 270 -14.54 -34.77 16.52
C PHE B 270 -14.15 -33.87 17.68
N THR B 271 -12.96 -33.29 17.59
CA THR B 271 -12.47 -32.35 18.60
C THR B 271 -11.94 -31.12 17.87
N GLU B 272 -12.58 -29.98 18.10
CA GLU B 272 -12.13 -28.73 17.49
C GLU B 272 -10.86 -28.23 18.17
N TYR B 273 -9.93 -27.73 17.38
CA TYR B 273 -8.65 -27.27 17.88
C TYR B 273 -8.32 -25.90 17.30
N VAL B 274 -7.52 -25.14 18.04
CA VAL B 274 -7.11 -23.79 17.66
C VAL B 274 -5.60 -23.79 17.52
N PHE B 275 -5.10 -23.06 16.51
CA PHE B 275 -3.67 -23.02 16.21
C PHE B 275 -3.20 -21.58 16.10
N ARG B 276 -1.92 -21.37 16.43
CA ARG B 276 -1.28 -20.08 16.27
C ARG B 276 0.22 -20.32 16.08
N ILE B 277 0.88 -19.41 15.38
CA ILE B 277 2.26 -19.62 14.95
C ILE B 277 3.00 -18.28 14.97
N ARG B 278 4.28 -18.34 15.30
CA ARG B 278 5.18 -17.20 15.22
C ARG B 278 6.49 -17.66 14.60
N CYS B 279 7.25 -16.71 14.07
CA CYS B 279 8.49 -17.03 13.36
C CYS B 279 9.59 -16.07 13.78
N MET B 280 10.83 -16.53 13.59
CA MET B 280 12.02 -15.73 13.86
C MET B 280 13.17 -16.31 13.05
N LYS B 281 14.38 -15.81 13.29
CA LYS B 281 15.54 -16.28 12.55
C LYS B 281 15.86 -17.73 12.89
N GLU B 282 16.54 -18.39 11.97
CA GLU B 282 16.79 -19.83 12.11
C GLU B 282 17.84 -20.12 13.18
N ASP B 283 18.95 -19.39 13.15
CA ASP B 283 20.06 -19.66 14.06
C ASP B 283 19.80 -19.24 15.51
N GLY B 284 18.58 -18.81 15.85
CA GLY B 284 18.27 -18.45 17.22
C GLY B 284 18.66 -17.05 17.62
N LYS B 285 19.37 -16.31 16.77
CA LYS B 285 19.78 -14.95 17.06
C LYS B 285 18.72 -13.99 16.52
N GLY B 286 18.08 -13.24 17.41
CA GLY B 286 17.03 -12.33 17.05
C GLY B 286 15.85 -12.42 18.01
N TYR B 287 14.91 -11.50 17.80
CA TYR B 287 13.72 -11.40 18.64
C TYR B 287 12.55 -12.12 17.99
N TRP B 288 11.74 -12.77 18.81
CA TRP B 288 10.57 -13.48 18.31
C TRP B 288 9.52 -12.49 17.81
N SER B 289 8.76 -12.92 16.80
CA SER B 289 7.69 -12.10 16.27
C SER B 289 6.43 -12.25 17.10
N ASP B 290 5.44 -11.41 16.81
CA ASP B 290 4.16 -11.49 17.49
C ASP B 290 3.41 -12.75 17.06
N TRP B 291 2.41 -13.12 17.85
CA TRP B 291 1.59 -14.28 17.54
C TRP B 291 0.59 -13.96 16.44
N SER B 292 0.37 -14.92 15.56
CA SER B 292 -0.53 -14.73 14.43
C SER B 292 -1.98 -14.87 14.87
N GLU B 293 -2.90 -14.68 13.93
CA GLU B 293 -4.31 -14.80 14.22
C GLU B 293 -4.70 -16.26 14.42
N GLU B 294 -5.61 -16.50 15.35
CA GLU B 294 -6.04 -17.86 15.66
C GLU B 294 -6.97 -18.39 14.57
N ALA B 295 -6.74 -19.64 14.17
CA ALA B 295 -7.54 -20.31 13.16
C ALA B 295 -8.11 -21.60 13.75
N SER B 296 -9.43 -21.76 13.65
CA SER B 296 -10.10 -22.93 14.20
C SER B 296 -10.08 -24.08 13.19
N GLY B 297 -10.43 -25.26 13.68
CA GLY B 297 -10.48 -26.45 12.84
C GLY B 297 -11.39 -27.49 13.45
N ILE B 298 -11.54 -28.60 12.73
CA ILE B 298 -12.38 -29.70 13.17
C ILE B 298 -11.88 -30.98 12.50
N THR B 299 -11.89 -32.07 13.26
CA THR B 299 -11.44 -33.37 12.77
C THR B 299 -12.60 -34.09 12.10
N TYR B 300 -12.40 -35.38 11.81
CA TYR B 300 -13.39 -36.17 11.10
C TYR B 300 -14.34 -36.87 12.07
N GLU B 301 -15.24 -37.68 11.51
CA GLU B 301 -16.29 -38.39 12.24
C GLU B 301 -16.25 -39.88 11.89
N ASP B 302 -15.06 -40.47 12.00
CA ASP B 302 -14.80 -41.80 11.45
C ASP B 302 -15.78 -42.85 11.95
N ARG B 303 -15.80 -43.12 13.25
CA ARG B 303 -16.55 -44.26 13.76
C ARG B 303 -16.96 -43.97 15.20
N PRO B 304 -18.13 -44.45 15.64
CA PRO B 304 -18.52 -44.29 17.05
C PRO B 304 -17.67 -45.11 18.01
N SER B 305 -18.05 -45.10 19.28
CA SER B 305 -17.24 -45.72 20.34
C SER B 305 -17.40 -47.24 20.31
N LYS B 306 -16.93 -47.89 21.37
CA LYS B 306 -16.88 -49.35 21.41
C LYS B 306 -18.27 -49.96 21.28
N ALA B 307 -19.17 -49.65 22.20
CA ALA B 307 -20.49 -50.26 22.17
C ALA B 307 -21.53 -49.40 22.88
N PRO B 308 -22.64 -49.08 22.21
CA PRO B 308 -23.73 -48.36 22.89
C PRO B 308 -24.56 -49.30 23.76
N SER B 309 -24.11 -49.53 24.99
CA SER B 309 -24.77 -50.47 25.89
C SER B 309 -26.23 -50.09 26.09
N PHE B 310 -27.07 -51.11 26.26
CA PHE B 310 -28.50 -50.92 26.41
C PHE B 310 -29.06 -52.01 27.31
N TRP B 311 -30.25 -51.75 27.85
CA TRP B 311 -30.91 -52.67 28.76
C TRP B 311 -32.38 -52.80 28.36
N TYR B 312 -32.90 -54.02 28.51
CA TYR B 312 -34.27 -54.33 28.13
C TYR B 312 -35.21 -54.22 29.33
N LYS B 313 -36.47 -53.95 29.04
CA LYS B 313 -37.52 -53.89 30.04
C LYS B 313 -38.74 -54.64 29.53
N ILE B 314 -39.33 -55.47 30.39
CA ILE B 314 -40.45 -56.31 30.01
C ILE B 314 -41.54 -56.22 31.07
N ASP B 315 -42.78 -56.38 30.63
CA ASP B 315 -43.96 -56.46 31.47
C ASP B 315 -44.44 -57.89 31.54
N PRO B 316 -45.32 -58.22 32.51
CA PRO B 316 -45.88 -59.57 32.57
C PRO B 316 -46.77 -59.88 31.37
N SER B 317 -47.33 -61.09 31.35
CA SER B 317 -48.15 -61.52 30.22
C SER B 317 -49.39 -60.66 30.08
N HIS B 318 -49.43 -59.84 29.04
CA HIS B 318 -50.57 -58.95 28.82
C HIS B 318 -51.83 -59.74 28.49
N THR B 319 -51.79 -60.50 27.38
CA THR B 319 -52.93 -61.30 26.93
C THR B 319 -52.47 -62.74 26.64
N GLN B 320 -52.41 -63.56 27.69
CA GLN B 320 -52.14 -64.99 27.59
C GLN B 320 -50.86 -65.27 26.81
N GLY B 321 -49.74 -64.80 27.36
CA GLY B 321 -48.43 -65.10 26.83
C GLY B 321 -47.81 -64.02 25.97
N TYR B 322 -48.59 -63.01 25.56
CA TYR B 322 -48.08 -61.91 24.75
C TYR B 322 -47.57 -60.82 25.68
N ARG B 323 -46.27 -60.57 25.65
CA ARG B 323 -45.62 -59.61 26.53
C ARG B 323 -44.96 -58.50 25.71
N THR B 324 -45.07 -57.27 26.21
CA THR B 324 -44.45 -56.12 25.57
C THR B 324 -43.04 -55.91 26.10
N VAL B 325 -42.10 -55.67 25.19
CA VAL B 325 -40.71 -55.41 25.54
C VAL B 325 -40.43 -53.93 25.35
N GLN B 326 -39.58 -53.39 26.21
CA GLN B 326 -39.18 -51.98 26.17
C GLN B 326 -37.67 -51.90 26.07
N LEU B 327 -37.19 -51.36 24.95
CA LEU B 327 -35.75 -51.20 24.71
C LEU B 327 -35.37 -49.75 24.97
N VAL B 328 -34.40 -49.55 25.85
CA VAL B 328 -33.92 -48.22 26.21
C VAL B 328 -32.40 -48.23 26.21
N TRP B 329 -31.80 -47.11 25.81
CA TRP B 329 -30.35 -46.97 25.80
C TRP B 329 -29.99 -45.52 26.07
N LYS B 330 -28.81 -45.32 26.66
CA LYS B 330 -28.33 -43.99 26.99
C LYS B 330 -27.74 -43.31 25.77
N THR B 331 -27.63 -41.99 25.84
CA THR B 331 -27.06 -41.18 24.78
C THR B 331 -25.56 -41.07 24.98
N LEU B 332 -24.80 -41.39 23.94
CA LEU B 332 -23.34 -41.32 24.03
C LEU B 332 -22.91 -39.86 24.10
N PRO B 333 -21.98 -39.51 25.00
CA PRO B 333 -21.54 -38.12 25.12
C PRO B 333 -20.87 -37.65 23.84
N PRO B 334 -20.82 -36.33 23.60
CA PRO B 334 -20.24 -35.84 22.34
C PRO B 334 -18.72 -35.85 22.34
N PHE B 335 -18.13 -36.94 22.82
CA PHE B 335 -16.70 -37.18 22.66
C PHE B 335 -16.38 -38.63 22.32
N GLU B 336 -17.33 -39.56 22.47
CA GLU B 336 -17.14 -40.95 22.06
C GLU B 336 -17.94 -41.31 20.81
N ALA B 337 -19.05 -40.63 20.55
CA ALA B 337 -19.81 -40.89 19.33
C ALA B 337 -19.09 -40.38 18.09
N ASN B 338 -18.26 -39.34 18.24
CA ASN B 338 -17.45 -38.79 17.15
C ASN B 338 -18.34 -38.35 15.98
N GLY B 339 -19.17 -37.36 16.24
CA GLY B 339 -20.10 -36.83 15.26
C GLY B 339 -21.52 -36.77 15.79
N LYS B 340 -22.35 -36.03 15.05
CA LYS B 340 -23.74 -35.88 15.43
C LYS B 340 -24.49 -37.19 15.21
N ILE B 341 -25.32 -37.56 16.20
CA ILE B 341 -26.07 -38.81 16.14
C ILE B 341 -27.19 -38.67 15.11
N LEU B 342 -27.21 -39.57 14.14
CA LEU B 342 -28.24 -39.54 13.09
C LEU B 342 -29.45 -40.39 13.47
N ASP B 343 -29.24 -41.68 13.72
CA ASP B 343 -30.32 -42.58 14.07
C ASP B 343 -29.73 -43.86 14.64
N TYR B 344 -30.53 -44.54 15.45
CA TYR B 344 -30.15 -45.82 16.04
C TYR B 344 -30.80 -46.96 15.28
N GLU B 345 -30.10 -48.09 15.21
CA GLU B 345 -30.56 -49.26 14.48
C GLU B 345 -30.37 -50.50 15.36
N VAL B 346 -31.47 -51.20 15.62
CA VAL B 346 -31.46 -52.40 16.45
C VAL B 346 -32.07 -53.55 15.65
N THR B 347 -31.46 -54.72 15.74
CA THR B 347 -31.92 -55.92 15.05
C THR B 347 -32.23 -57.01 16.06
N LEU B 348 -33.21 -57.84 15.73
CA LEU B 348 -33.64 -58.93 16.61
C LEU B 348 -34.09 -60.11 15.77
N THR B 349 -33.57 -61.30 16.09
CA THR B 349 -33.89 -62.51 15.34
C THR B 349 -33.58 -63.74 16.18
N ARG B 350 -34.51 -64.69 16.21
CA ARG B 350 -34.36 -65.96 16.90
C ARG B 350 -35.61 -66.78 16.61
N TRP B 351 -35.53 -68.08 16.91
CA TRP B 351 -36.67 -69.01 16.84
C TRP B 351 -37.07 -69.32 15.40
N LYS B 352 -36.10 -69.29 14.49
CA LYS B 352 -36.21 -69.77 13.11
C LYS B 352 -37.22 -68.99 12.26
N SER B 353 -37.90 -67.99 12.81
CA SER B 353 -38.95 -67.30 12.07
C SER B 353 -38.89 -65.79 12.15
N HIS B 354 -38.24 -65.20 13.15
CA HIS B 354 -38.23 -63.76 13.33
C HIS B 354 -36.96 -63.15 12.76
N LEU B 355 -37.12 -62.04 12.04
CA LEU B 355 -36.00 -61.26 11.54
C LEU B 355 -36.51 -59.86 11.23
N GLN B 356 -36.10 -58.88 12.03
CA GLN B 356 -36.62 -57.52 11.90
C GLN B 356 -35.48 -56.52 12.03
N ASN B 357 -35.76 -55.28 11.61
CA ASN B 357 -34.80 -54.19 11.72
C ASN B 357 -35.58 -52.89 11.84
N TYR B 358 -35.11 -52.01 12.71
CA TYR B 358 -35.78 -50.74 12.96
C TYR B 358 -34.77 -49.61 12.98
N THR B 359 -35.20 -48.43 12.52
CA THR B 359 -34.38 -47.23 12.46
C THR B 359 -35.05 -46.10 13.23
N VAL B 360 -35.51 -46.39 14.44
CA VAL B 360 -36.18 -45.38 15.25
C VAL B 360 -35.17 -44.32 15.67
N ASN B 361 -35.56 -43.05 15.48
CA ASN B 361 -34.67 -41.95 15.83
C ASN B 361 -34.56 -41.78 17.34
N ALA B 362 -35.64 -42.03 18.07
CA ALA B 362 -35.63 -41.88 19.52
C ALA B 362 -35.10 -43.15 20.18
N THR B 363 -34.92 -43.06 21.50
CA THR B 363 -34.40 -44.20 22.26
C THR B 363 -35.51 -45.17 22.63
N LYS B 364 -36.72 -44.67 22.87
CA LYS B 364 -37.83 -45.52 23.27
C LYS B 364 -38.58 -46.04 22.04
N LEU B 365 -38.76 -47.35 21.98
CA LEU B 365 -39.55 -48.00 20.93
C LEU B 365 -40.34 -49.13 21.55
N THR B 366 -41.60 -49.26 21.15
CA THR B 366 -42.51 -50.24 21.73
C THR B 366 -42.88 -51.27 20.66
N VAL B 367 -42.43 -52.51 20.84
CA VAL B 367 -42.75 -53.61 19.95
C VAL B 367 -43.21 -54.79 20.80
N ASN B 368 -44.23 -55.49 20.31
CA ASN B 368 -44.80 -56.64 21.00
C ASN B 368 -44.18 -57.92 20.43
N LEU B 369 -43.57 -58.70 21.30
CA LEU B 369 -42.90 -59.94 20.94
C LEU B 369 -43.62 -61.13 21.56
N THR B 370 -43.08 -62.32 21.33
CA THR B 370 -43.65 -63.54 21.85
C THR B 370 -42.92 -63.97 23.13
N ASN B 371 -43.28 -65.14 23.65
CA ASN B 371 -42.67 -65.65 24.87
C ASN B 371 -41.32 -66.29 24.63
N ASP B 372 -40.99 -66.62 23.38
CA ASP B 372 -39.71 -67.25 23.08
C ASP B 372 -38.55 -66.27 23.31
N ARG B 373 -37.36 -66.83 23.47
CA ARG B 373 -36.17 -66.02 23.63
C ARG B 373 -35.84 -65.28 22.35
N TYR B 374 -34.97 -64.29 22.46
CA TYR B 374 -34.54 -63.50 21.32
C TYR B 374 -33.13 -62.96 21.56
N LEU B 375 -32.49 -62.54 20.48
CA LEU B 375 -31.14 -61.97 20.54
C LEU B 375 -31.19 -60.53 20.04
N ALA B 376 -30.70 -59.60 20.85
CA ALA B 376 -30.69 -58.19 20.52
C ALA B 376 -29.33 -57.77 20.00
N THR B 377 -29.35 -56.80 19.08
CA THR B 377 -28.12 -56.27 18.50
C THR B 377 -28.38 -54.82 18.11
N LEU B 378 -27.72 -53.89 18.78
CA LEU B 378 -27.96 -52.46 18.60
C LEU B 378 -26.74 -51.81 17.94
N THR B 379 -27.00 -51.04 16.89
CA THR B 379 -25.97 -50.24 16.24
C THR B 379 -26.45 -48.80 16.13
N VAL B 380 -25.48 -47.89 16.01
CA VAL B 380 -25.76 -46.46 15.83
C VAL B 380 -25.05 -46.00 14.57
N ARG B 381 -25.83 -45.69 13.54
CA ARG B 381 -25.27 -45.35 12.23
C ARG B 381 -24.96 -43.86 12.16
N ASN B 382 -23.76 -43.54 11.68
CA ASN B 382 -23.31 -42.18 11.46
C ASN B 382 -23.24 -41.90 9.96
N LEU B 383 -22.73 -40.72 9.61
CA LEU B 383 -22.61 -40.36 8.20
C LEU B 383 -21.56 -41.18 7.48
N VAL B 384 -20.66 -41.83 8.21
CA VAL B 384 -19.62 -42.67 7.60
C VAL B 384 -20.09 -44.12 7.48
N GLY B 385 -20.56 -44.70 8.58
CA GLY B 385 -21.03 -46.06 8.60
C GLY B 385 -20.14 -46.98 9.41
N LYS B 386 -20.15 -48.25 9.03
CA LYS B 386 -19.40 -49.34 9.68
C LYS B 386 -19.39 -49.18 11.20
N SER B 387 -20.60 -49.13 11.76
CA SER B 387 -20.77 -48.96 13.19
C SER B 387 -20.51 -50.28 13.93
N ASP B 388 -20.51 -50.19 15.25
CA ASP B 388 -20.31 -51.35 16.11
C ASP B 388 -21.65 -51.86 16.63
N ALA B 389 -21.65 -53.11 17.09
CA ALA B 389 -22.86 -53.78 17.53
C ALA B 389 -22.70 -54.32 18.95
N ALA B 390 -23.77 -54.22 19.73
CA ALA B 390 -23.82 -54.78 21.07
C ALA B 390 -24.63 -56.08 21.04
N VAL B 391 -24.90 -56.64 22.23
CA VAL B 391 -25.63 -57.89 22.33
C VAL B 391 -26.42 -57.89 23.64
N LEU B 392 -27.53 -58.61 23.65
CA LEU B 392 -28.36 -58.76 24.83
C LEU B 392 -29.20 -60.01 24.68
N THR B 393 -29.36 -60.76 25.77
CA THR B 393 -30.11 -62.01 25.79
C THR B 393 -31.32 -61.85 26.70
N ILE B 394 -32.51 -61.93 26.13
CA ILE B 394 -33.75 -61.87 26.89
C ILE B 394 -34.11 -63.27 27.36
N PRO B 395 -34.50 -63.47 28.62
CA PRO B 395 -34.74 -64.83 29.12
C PRO B 395 -36.02 -65.46 28.58
N ALA B 396 -36.33 -66.66 29.07
CA ALA B 396 -37.48 -67.42 28.61
C ALA B 396 -38.71 -67.09 29.43
N CYS B 397 -39.75 -67.91 29.32
CA CYS B 397 -41.02 -67.62 29.97
C CYS B 397 -40.92 -67.79 31.48
N ASP B 398 -40.59 -68.99 31.95
CA ASP B 398 -40.60 -69.32 33.37
C ASP B 398 -39.17 -69.64 33.82
N PHE B 399 -38.58 -68.73 34.59
CA PHE B 399 -37.26 -68.94 35.19
C PHE B 399 -37.35 -68.70 36.69
N GLN B 400 -36.56 -69.45 37.45
CA GLN B 400 -36.57 -69.37 38.90
C GLN B 400 -35.72 -68.18 39.36
N ALA B 401 -35.43 -68.15 40.67
CA ALA B 401 -34.69 -67.02 41.25
C ALA B 401 -33.35 -66.81 40.56
N THR B 402 -32.64 -67.90 40.27
CA THR B 402 -31.39 -67.88 39.52
C THR B 402 -30.35 -66.98 40.22
N HIS B 403 -29.93 -67.45 41.40
CA HIS B 403 -28.83 -66.85 42.16
C HIS B 403 -29.11 -65.40 42.53
N PRO B 404 -30.01 -65.14 43.46
CA PRO B 404 -30.28 -63.74 43.86
C PRO B 404 -29.08 -63.13 44.56
N VAL B 405 -29.16 -61.80 44.74
CA VAL B 405 -28.10 -61.02 45.36
C VAL B 405 -28.33 -60.94 46.86
N MET B 406 -27.26 -61.09 47.63
CA MET B 406 -27.30 -61.00 49.07
C MET B 406 -26.37 -59.89 49.56
N ASP B 407 -26.65 -59.40 50.76
CA ASP B 407 -25.85 -58.37 51.43
C ASP B 407 -25.78 -57.10 50.58
N LEU B 408 -26.95 -56.49 50.42
CA LEU B 408 -27.09 -55.24 49.69
C LEU B 408 -27.15 -54.09 50.69
N LYS B 409 -26.41 -53.01 50.40
CA LYS B 409 -26.33 -51.87 51.30
C LYS B 409 -26.21 -50.58 50.52
N ALA B 410 -26.80 -49.52 51.05
CA ALA B 410 -26.69 -48.17 50.50
C ALA B 410 -26.75 -47.19 51.66
N PHE B 411 -25.86 -46.22 51.67
CA PHE B 411 -25.70 -45.37 52.85
C PHE B 411 -25.18 -44.01 52.43
N PRO B 412 -25.41 -42.97 53.27
CA PRO B 412 -24.76 -41.67 53.05
C PRO B 412 -23.28 -41.71 53.42
N LYS B 413 -22.64 -40.54 53.52
CA LYS B 413 -21.21 -40.43 53.79
C LYS B 413 -20.39 -41.03 52.64
N ASP B 414 -20.38 -40.30 51.52
CA ASP B 414 -20.78 -38.89 51.50
C ASP B 414 -21.21 -38.38 50.14
N ASN B 415 -22.29 -37.59 50.13
CA ASN B 415 -22.72 -36.81 48.98
C ASN B 415 -23.15 -37.67 47.80
N MET B 416 -23.13 -38.99 47.96
CA MET B 416 -23.55 -39.89 46.91
C MET B 416 -23.80 -41.27 47.52
N LEU B 417 -24.97 -41.83 47.26
CA LEU B 417 -25.31 -43.13 47.80
C LEU B 417 -24.43 -44.20 47.16
N TRP B 418 -23.54 -44.79 47.96
CA TRP B 418 -22.61 -45.80 47.49
C TRP B 418 -23.20 -47.17 47.78
N VAL B 419 -23.54 -47.90 46.72
CA VAL B 419 -24.07 -49.25 46.84
C VAL B 419 -22.92 -50.24 46.88
N GLU B 420 -23.11 -51.33 47.61
CA GLU B 420 -22.08 -52.34 47.76
C GLU B 420 -22.74 -53.68 48.05
N TRP B 421 -22.08 -54.75 47.60
CA TRP B 421 -22.57 -56.10 47.84
C TRP B 421 -21.39 -57.07 47.78
N THR B 422 -21.58 -58.24 48.38
CA THR B 422 -20.56 -59.27 48.36
C THR B 422 -20.44 -59.86 46.96
N THR B 423 -19.34 -60.57 46.73
CA THR B 423 -19.09 -61.14 45.41
C THR B 423 -20.12 -62.21 45.09
N PRO B 424 -20.77 -62.15 43.92
CA PRO B 424 -21.73 -63.18 43.55
C PRO B 424 -21.06 -64.48 43.12
N ARG B 425 -21.84 -65.41 42.59
CA ARG B 425 -21.34 -66.72 42.18
C ARG B 425 -20.38 -66.57 41.00
N GLU B 426 -19.83 -67.71 40.56
CA GLU B 426 -18.74 -67.70 39.59
C GLU B 426 -19.18 -67.16 38.24
N SER B 427 -20.46 -67.31 37.88
CA SER B 427 -20.96 -66.92 36.56
C SER B 427 -21.86 -65.69 36.73
N VAL B 428 -21.33 -64.53 36.36
CA VAL B 428 -22.07 -63.28 36.39
C VAL B 428 -21.68 -62.45 35.17
N LYS B 429 -22.67 -62.01 34.41
CA LYS B 429 -22.39 -61.25 33.19
C LYS B 429 -22.21 -59.76 33.49
N LYS B 430 -23.22 -59.13 34.07
CA LYS B 430 -23.17 -57.70 34.35
C LYS B 430 -24.22 -57.37 35.41
N TYR B 431 -24.10 -56.15 35.96
CA TYR B 431 -25.06 -55.63 36.92
C TYR B 431 -25.67 -54.35 36.38
N ILE B 432 -27.00 -54.31 36.35
CA ILE B 432 -27.74 -53.12 35.92
C ILE B 432 -28.81 -52.88 36.98
N LEU B 433 -28.55 -51.96 37.90
CA LEU B 433 -29.47 -51.69 39.00
C LEU B 433 -30.40 -50.53 38.66
N GLU B 434 -31.58 -50.57 39.25
CA GLU B 434 -32.60 -49.53 39.05
C GLU B 434 -33.01 -48.95 40.39
N TRP B 435 -33.61 -47.76 40.34
CA TRP B 435 -34.02 -47.07 41.55
C TRP B 435 -35.07 -46.02 41.20
N CYS B 436 -35.98 -45.78 42.15
CA CYS B 436 -36.95 -44.70 42.05
C CYS B 436 -37.25 -44.18 43.44
N VAL B 437 -37.95 -43.05 43.50
CA VAL B 437 -38.32 -42.41 44.76
C VAL B 437 -39.75 -42.78 45.10
N LEU B 438 -40.01 -43.01 46.38
CA LEU B 438 -41.35 -43.40 46.85
C LEU B 438 -42.11 -42.12 47.18
N SER B 439 -42.77 -41.55 46.18
CA SER B 439 -43.57 -40.36 46.36
C SER B 439 -44.99 -40.72 46.78
N ASP B 440 -45.52 -39.98 47.74
CA ASP B 440 -46.85 -40.27 48.25
C ASP B 440 -47.91 -39.87 47.23
N LYS B 441 -48.94 -40.72 47.10
CA LYS B 441 -50.08 -40.48 46.23
C LYS B 441 -49.66 -40.31 44.77
N ALA B 442 -48.61 -41.02 44.36
CA ALA B 442 -48.11 -40.92 42.99
C ALA B 442 -47.17 -42.08 42.72
N PRO B 443 -47.18 -42.64 41.51
CA PRO B 443 -46.26 -43.73 41.18
C PRO B 443 -44.84 -43.19 40.98
N CYS B 444 -43.91 -44.11 40.74
CA CYS B 444 -42.51 -43.77 40.56
C CYS B 444 -42.03 -44.24 39.19
N ILE B 445 -41.16 -43.44 38.59
CA ILE B 445 -40.45 -43.82 37.37
C ILE B 445 -39.01 -44.12 37.74
N THR B 446 -38.45 -45.17 37.15
CA THR B 446 -37.14 -45.66 37.53
C THR B 446 -36.07 -45.28 36.51
N ASP B 447 -34.85 -45.10 37.01
CA ASP B 447 -33.67 -44.90 36.19
C ASP B 447 -32.79 -46.15 36.29
N TRP B 448 -31.76 -46.20 35.44
CA TRP B 448 -30.89 -47.37 35.41
C TRP B 448 -29.52 -46.97 34.92
N GLN B 449 -28.55 -47.84 35.22
CA GLN B 449 -27.17 -47.67 34.75
C GLN B 449 -26.51 -49.04 34.72
N GLN B 450 -25.57 -49.21 33.80
CA GLN B 450 -24.91 -50.50 33.58
C GLN B 450 -23.54 -50.51 34.25
N GLU B 451 -23.22 -51.64 34.88
CA GLU B 451 -21.95 -51.84 35.55
C GLU B 451 -21.31 -53.13 35.06
N ASP B 452 -19.97 -53.16 35.08
CA ASP B 452 -19.25 -54.35 34.64
C ASP B 452 -19.37 -55.47 35.67
N GLY B 453 -19.03 -56.67 35.23
CA GLY B 453 -19.14 -57.83 36.10
C GLY B 453 -18.11 -57.85 37.21
N THR B 454 -16.94 -57.25 36.97
CA THR B 454 -15.90 -57.24 37.99
C THR B 454 -16.20 -56.25 39.11
N VAL B 455 -16.84 -55.12 38.78
CA VAL B 455 -17.14 -54.11 39.78
C VAL B 455 -18.26 -54.59 40.69
N HIS B 456 -18.08 -54.42 41.99
CA HIS B 456 -19.09 -54.79 42.98
C HIS B 456 -19.62 -53.61 43.77
N ARG B 457 -18.97 -52.45 43.73
CA ARG B 457 -19.43 -51.27 44.43
C ARG B 457 -19.22 -50.04 43.54
N THR B 458 -20.21 -49.16 43.51
CA THR B 458 -20.15 -47.96 42.68
C THR B 458 -21.11 -46.94 43.26
N TYR B 459 -21.18 -45.78 42.61
CA TYR B 459 -22.07 -44.69 43.00
C TYR B 459 -23.00 -44.38 41.83
N LEU B 460 -24.27 -44.15 42.14
CA LEU B 460 -25.26 -43.86 41.11
C LEU B 460 -25.12 -42.41 40.63
N ARG B 461 -25.47 -42.20 39.36
CA ARG B 461 -25.35 -40.89 38.71
C ARG B 461 -26.73 -40.48 38.22
N GLY B 462 -27.41 -39.62 38.98
CA GLY B 462 -28.73 -39.15 38.63
C GLY B 462 -28.94 -37.73 39.09
N ASN B 463 -30.18 -37.41 39.46
CA ASN B 463 -30.57 -36.09 39.94
C ASN B 463 -31.40 -36.22 41.20
N LEU B 464 -30.89 -37.01 42.15
CA LEU B 464 -31.61 -37.26 43.40
C LEU B 464 -31.66 -35.99 44.25
N ALA B 465 -32.66 -35.94 45.12
CA ALA B 465 -32.90 -34.80 45.99
C ALA B 465 -32.76 -35.21 47.46
N GLU B 466 -32.84 -34.23 48.34
CA GLU B 466 -32.69 -34.44 49.77
C GLU B 466 -34.06 -34.68 50.42
N SER B 467 -34.02 -35.30 51.62
CA SER B 467 -35.20 -35.59 52.41
C SER B 467 -36.19 -36.50 51.70
N LYS B 468 -35.69 -37.37 50.82
CA LYS B 468 -36.52 -38.32 50.10
C LYS B 468 -35.99 -39.73 50.30
N CYS B 469 -36.89 -40.70 50.20
CA CYS B 469 -36.54 -42.11 50.34
C CYS B 469 -36.53 -42.77 48.96
N TYR B 470 -35.40 -43.40 48.62
CA TYR B 470 -35.21 -44.03 47.33
C TYR B 470 -35.11 -45.54 47.50
N LEU B 471 -35.81 -46.28 46.63
CA LEU B 471 -35.80 -47.74 46.64
C LEU B 471 -34.87 -48.22 45.55
N ILE B 472 -33.66 -48.63 45.93
CA ILE B 472 -32.63 -49.08 45.00
C ILE B 472 -32.77 -50.57 44.82
N THR B 473 -32.99 -51.01 43.58
CA THR B 473 -33.12 -52.42 43.25
C THR B 473 -31.98 -52.84 42.34
N VAL B 474 -31.29 -53.91 42.69
CA VAL B 474 -30.14 -54.42 41.94
C VAL B 474 -30.57 -55.70 41.23
N THR B 475 -30.50 -55.69 39.91
CA THR B 475 -30.87 -56.86 39.11
C THR B 475 -29.62 -57.53 38.56
N PRO B 476 -29.24 -58.70 39.07
CA PRO B 476 -28.05 -59.39 38.55
C PRO B 476 -28.35 -60.07 37.22
N VAL B 477 -27.56 -59.75 36.20
CA VAL B 477 -27.74 -60.30 34.87
C VAL B 477 -26.80 -61.48 34.69
N TYR B 478 -27.36 -62.62 34.29
CA TYR B 478 -26.61 -63.85 34.10
C TYR B 478 -26.61 -64.24 32.62
N ALA B 479 -26.03 -65.40 32.33
CA ALA B 479 -25.95 -65.86 30.94
C ALA B 479 -27.33 -66.22 30.39
N ASP B 480 -28.15 -66.88 31.20
CA ASP B 480 -29.48 -67.33 30.79
C ASP B 480 -30.58 -66.46 31.37
N GLY B 481 -30.36 -65.15 31.48
CA GLY B 481 -31.36 -64.25 31.96
C GLY B 481 -31.03 -63.67 33.33
N PRO B 482 -31.69 -62.58 33.71
CA PRO B 482 -31.42 -61.97 35.01
C PRO B 482 -31.90 -62.85 36.16
N GLY B 483 -31.45 -62.50 37.36
CA GLY B 483 -31.79 -63.23 38.56
C GLY B 483 -32.80 -62.48 39.42
N SER B 484 -33.11 -63.09 40.55
CA SER B 484 -34.05 -62.50 41.50
C SER B 484 -33.44 -61.25 42.13
N PRO B 485 -34.04 -60.07 41.97
CA PRO B 485 -33.45 -58.85 42.50
C PRO B 485 -33.80 -58.66 43.97
N GLU B 486 -33.14 -57.67 44.58
CA GLU B 486 -33.40 -57.27 45.96
C GLU B 486 -33.45 -55.76 46.04
N SER B 487 -34.16 -55.26 47.04
CA SER B 487 -34.38 -53.83 47.20
C SER B 487 -33.95 -53.39 48.61
N ILE B 488 -33.64 -52.11 48.72
CA ILE B 488 -33.24 -51.52 50.00
C ILE B 488 -33.50 -50.03 49.93
N LYS B 489 -33.90 -49.46 51.06
CA LYS B 489 -34.18 -48.03 51.18
C LYS B 489 -33.05 -47.32 51.91
N ALA B 490 -32.79 -46.08 51.51
CA ALA B 490 -31.73 -45.29 52.10
C ALA B 490 -31.97 -43.81 51.82
N TYR B 491 -31.76 -42.98 52.84
CA TYR B 491 -31.91 -41.55 52.70
C TYR B 491 -30.65 -40.95 52.06
N LEU B 492 -30.72 -39.65 51.77
CA LEU B 492 -29.56 -38.92 51.25
C LEU B 492 -28.80 -38.22 52.38
N LYS B 493 -29.49 -37.36 53.13
CA LYS B 493 -28.89 -36.65 54.25
C LYS B 493 -29.71 -36.84 55.52
N VAL C 88 -3.72 45.95 -78.83
CA VAL C 88 -2.43 45.44 -78.39
C VAL C 88 -2.62 44.52 -77.19
N SER C 89 -1.61 43.68 -76.92
CA SER C 89 -1.64 42.74 -75.82
C SER C 89 -0.73 43.26 -74.71
N LEU C 90 -1.30 43.47 -73.52
CA LEU C 90 -0.55 43.96 -72.38
C LEU C 90 -0.05 42.77 -71.57
N ILE C 91 1.26 42.57 -71.57
CA ILE C 91 1.91 41.47 -70.84
C ILE C 91 2.69 42.07 -69.68
N PRO C 92 2.47 41.64 -68.44
CA PRO C 92 3.27 42.15 -67.33
C PRO C 92 4.68 41.57 -67.36
N ASP C 93 5.60 42.30 -66.74
CA ASP C 93 6.98 41.85 -66.67
C ASP C 93 7.11 40.68 -65.72
N THR C 94 7.99 39.75 -66.05
CA THR C 94 8.20 38.56 -65.22
C THR C 94 8.82 38.96 -63.89
N PRO C 95 8.16 38.71 -62.76
CA PRO C 95 8.74 39.08 -61.47
C PRO C 95 9.90 38.16 -61.08
N GLU C 96 10.72 38.64 -60.17
CA GLU C 96 11.87 37.90 -59.68
C GLU C 96 11.80 37.79 -58.16
N ILE C 97 12.09 36.59 -57.65
CA ILE C 97 12.09 36.35 -56.21
C ILE C 97 13.35 36.94 -55.61
N LEU C 98 13.18 37.86 -54.66
CA LEU C 98 14.33 38.51 -54.03
C LEU C 98 15.09 37.55 -53.14
N ASN C 99 14.41 36.99 -52.13
CA ASN C 99 15.05 36.07 -51.21
C ASN C 99 13.97 35.20 -50.56
N LEU C 100 14.33 33.95 -50.30
CA LEU C 100 13.43 33.00 -49.65
C LEU C 100 14.14 32.36 -48.46
N SER C 101 13.40 32.14 -47.38
CA SER C 101 13.94 31.54 -46.17
C SER C 101 12.85 30.72 -45.50
N ALA C 102 13.27 29.93 -44.51
CA ALA C 102 12.35 29.07 -43.77
C ALA C 102 12.79 28.99 -42.32
N ASP C 103 11.82 28.82 -41.43
CA ASP C 103 12.06 28.67 -40.00
C ASP C 103 11.79 27.20 -39.66
N PHE C 104 12.86 26.41 -39.54
CA PHE C 104 12.73 24.99 -39.30
C PHE C 104 12.21 24.66 -37.91
N SER C 105 12.13 25.65 -37.01
CA SER C 105 11.60 25.38 -35.68
C SER C 105 10.09 25.16 -35.72
N THR C 106 9.35 26.10 -36.28
CA THR C 106 7.90 26.00 -36.39
C THR C 106 7.44 25.54 -37.78
N SER C 107 8.37 25.20 -38.67
CA SER C 107 8.06 24.68 -40.00
C SER C 107 7.19 25.64 -40.79
N THR C 108 7.74 26.83 -41.05
CA THR C 108 7.06 27.84 -41.85
C THR C 108 8.04 28.40 -42.89
N LEU C 109 7.48 29.01 -43.91
CA LEU C 109 8.24 29.59 -45.00
C LEU C 109 8.16 31.11 -44.96
N TYR C 110 9.21 31.76 -45.48
CA TYR C 110 9.28 33.22 -45.55
C TYR C 110 9.63 33.63 -46.97
N LEU C 111 8.76 34.41 -47.60
CA LEU C 111 8.94 34.87 -48.96
C LEU C 111 8.86 36.39 -49.00
N LYS C 112 9.72 37.00 -49.81
CA LYS C 112 9.74 38.44 -49.97
C LYS C 112 10.06 38.79 -51.41
N TRP C 113 9.47 39.87 -51.89
CA TRP C 113 9.70 40.34 -53.25
C TRP C 113 9.36 41.82 -53.33
N ASN C 114 9.90 42.47 -54.36
CA ASN C 114 9.69 43.90 -54.58
C ASN C 114 9.17 44.10 -56.00
N ASP C 115 7.94 44.56 -56.12
CA ASP C 115 7.35 44.82 -57.42
C ASP C 115 7.99 46.03 -58.07
N ARG C 116 8.18 45.97 -59.39
CA ARG C 116 8.80 47.05 -60.15
C ARG C 116 7.75 48.12 -60.47
N GLY C 117 7.31 48.81 -59.41
CA GLY C 117 6.32 49.85 -59.56
C GLY C 117 6.84 51.14 -60.14
N SER C 118 8.16 51.34 -60.11
CA SER C 118 8.74 52.57 -60.63
C SER C 118 8.57 52.70 -62.14
N VAL C 119 8.39 51.59 -62.85
CA VAL C 119 8.22 51.64 -64.30
C VAL C 119 6.79 52.01 -64.67
N PHE C 120 5.81 51.49 -63.91
CA PHE C 120 4.41 51.75 -64.19
C PHE C 120 3.97 52.99 -63.43
N PRO C 121 3.65 54.10 -64.11
CA PRO C 121 3.29 55.33 -63.38
C PRO C 121 1.87 55.33 -62.85
N HIS C 122 0.98 54.62 -63.54
CA HIS C 122 -0.43 54.61 -63.14
C HIS C 122 -0.63 53.75 -61.90
N ARG C 123 -1.70 54.07 -61.16
CA ARG C 123 -2.02 53.35 -59.93
C ARG C 123 -3.04 52.24 -60.22
N SER C 124 -2.63 51.32 -61.08
CA SER C 124 -3.49 50.22 -61.48
C SER C 124 -3.47 49.11 -60.44
N ASN C 125 -4.63 48.46 -60.27
CA ASN C 125 -4.74 47.37 -59.32
C ASN C 125 -4.07 46.11 -59.88
N VAL C 126 -3.39 45.37 -59.00
CA VAL C 126 -2.68 44.16 -59.38
C VAL C 126 -3.13 43.02 -58.48
N ILE C 127 -2.82 41.80 -58.91
CA ILE C 127 -3.09 40.60 -58.13
C ILE C 127 -1.86 39.70 -58.19
N TRP C 128 -1.45 39.17 -57.04
CA TRP C 128 -0.30 38.30 -56.92
C TRP C 128 -0.75 36.95 -56.41
N GLU C 129 -0.44 35.89 -57.16
CA GLU C 129 -0.77 34.52 -56.78
C GLU C 129 0.53 33.75 -56.54
N ILE C 130 0.61 33.08 -55.40
CA ILE C 130 1.78 32.31 -55.01
C ILE C 130 1.36 30.86 -54.83
N LYS C 131 1.99 29.96 -55.60
CA LYS C 131 1.71 28.54 -55.52
C LYS C 131 2.87 27.83 -54.83
N VAL C 132 2.56 27.03 -53.83
CA VAL C 132 3.55 26.27 -53.08
C VAL C 132 3.45 24.81 -53.54
N LEU C 133 4.41 24.39 -54.34
CA LEU C 133 4.45 23.04 -54.89
C LEU C 133 5.65 22.29 -54.34
N ARG C 134 5.41 21.07 -53.88
CA ARG C 134 6.44 20.24 -53.26
C ARG C 134 6.37 18.83 -53.84
N LYS C 135 7.40 18.05 -53.53
CA LYS C 135 7.48 16.64 -53.93
C LYS C 135 7.29 16.48 -55.44
N GLU C 136 8.17 17.14 -56.19
CA GLU C 136 8.20 17.09 -57.65
C GLU C 136 6.88 17.56 -58.25
N SER C 137 6.57 18.83 -58.01
CA SER C 137 5.45 19.55 -58.62
C SER C 137 4.12 18.83 -58.36
N MET C 138 3.73 18.82 -57.09
CA MET C 138 2.45 18.27 -56.69
C MET C 138 1.35 19.32 -56.56
N GLU C 139 1.71 20.60 -56.46
CA GLU C 139 0.74 21.70 -56.38
C GLU C 139 -0.18 21.51 -55.17
N LEU C 140 0.44 21.58 -53.98
CA LEU C 140 -0.29 21.29 -52.76
C LEU C 140 -1.28 22.40 -52.42
N VAL C 141 -0.86 23.66 -52.51
CA VAL C 141 -1.71 24.79 -52.15
C VAL C 141 -1.38 25.96 -53.07
N LYS C 142 -2.40 26.78 -53.33
CA LYS C 142 -2.27 27.98 -54.16
C LYS C 142 -2.99 29.13 -53.48
N LEU C 143 -2.28 30.24 -53.28
CA LEU C 143 -2.83 31.42 -52.63
C LEU C 143 -2.90 32.58 -53.61
N VAL C 144 -3.65 33.61 -53.25
CA VAL C 144 -3.78 34.83 -54.03
C VAL C 144 -3.74 36.03 -53.09
N THR C 145 -3.03 37.08 -53.49
CA THR C 145 -2.94 38.31 -52.70
C THR C 145 -3.23 39.49 -53.62
N HIS C 146 -4.24 40.27 -53.27
CA HIS C 146 -4.64 41.44 -54.04
C HIS C 146 -3.97 42.68 -53.43
N ASN C 147 -3.22 43.41 -54.25
CA ASN C 147 -2.52 44.61 -53.81
C ASN C 147 -2.65 45.67 -54.90
N THR C 148 -1.92 46.77 -54.72
CA THR C 148 -1.90 47.86 -55.69
C THR C 148 -0.57 48.59 -55.59
N THR C 149 -0.11 49.11 -56.72
CA THR C 149 1.14 49.87 -56.73
C THR C 149 0.95 51.19 -55.99
N LEU C 150 1.88 51.49 -55.09
CA LEU C 150 1.78 52.68 -54.24
C LEU C 150 2.34 53.88 -55.01
N ASN C 151 1.45 54.53 -55.77
CA ASN C 151 1.79 55.76 -56.51
C ASN C 151 2.98 55.55 -57.44
N GLY C 152 3.07 54.37 -58.04
CA GLY C 152 4.16 54.06 -58.95
C GLY C 152 5.51 53.96 -58.28
N LYS C 153 5.56 53.44 -57.06
CA LYS C 153 6.80 53.26 -56.33
C LYS C 153 7.02 51.78 -56.04
N ASP C 154 8.26 51.44 -55.70
CA ASP C 154 8.66 50.06 -55.44
C ASP C 154 8.88 49.90 -53.94
N THR C 155 7.98 49.15 -53.29
CA THR C 155 8.09 48.83 -51.87
C THR C 155 8.07 47.32 -51.69
N LEU C 156 8.76 46.85 -50.65
CA LEU C 156 8.89 45.43 -50.41
C LEU C 156 7.67 44.87 -49.69
N HIS C 157 7.21 43.70 -50.13
CA HIS C 157 6.09 43.00 -49.52
C HIS C 157 6.58 41.65 -49.01
N HIS C 158 6.24 41.32 -47.77
CA HIS C 158 6.62 40.07 -47.15
C HIS C 158 5.40 39.16 -47.00
N TRP C 159 5.59 37.88 -47.30
CA TRP C 159 4.52 36.90 -47.21
C TRP C 159 5.07 35.63 -46.58
N SER C 160 4.35 35.09 -45.60
CA SER C 160 4.77 33.89 -44.89
C SER C 160 3.63 32.87 -44.88
N TRP C 161 4.01 31.60 -44.82
CA TRP C 161 3.04 30.51 -44.80
C TRP C 161 3.62 29.35 -44.01
N ALA C 162 2.76 28.70 -43.22
CA ALA C 162 3.14 27.57 -42.39
C ALA C 162 2.78 26.28 -43.10
N SER C 163 3.78 25.43 -43.35
CA SER C 163 3.55 24.17 -44.03
C SER C 163 3.04 23.12 -43.06
N ASP C 164 2.24 22.20 -43.58
CA ASP C 164 1.70 21.10 -42.78
C ASP C 164 2.71 19.99 -42.54
N MET C 165 3.66 19.81 -43.46
CA MET C 165 4.72 18.82 -43.34
C MET C 165 6.05 19.50 -43.02
N PRO C 166 6.86 18.92 -42.13
CA PRO C 166 8.15 19.53 -41.81
C PRO C 166 9.01 19.73 -43.05
N LEU C 167 9.71 20.86 -43.08
CA LEU C 167 10.54 21.20 -44.23
C LEU C 167 11.73 20.26 -44.39
N GLU C 168 12.09 19.53 -43.33
CA GLU C 168 13.20 18.58 -43.40
C GLU C 168 12.81 17.24 -44.00
N CYS C 169 11.61 17.12 -44.56
CA CYS C 169 11.12 15.87 -45.10
C CYS C 169 11.13 15.81 -46.62
N ALA C 170 10.96 16.94 -47.30
CA ALA C 170 10.92 16.96 -48.76
C ALA C 170 11.30 18.33 -49.25
N ILE C 171 11.55 18.42 -50.56
CA ILE C 171 11.92 19.67 -51.19
C ILE C 171 10.66 20.48 -51.48
N HIS C 172 10.81 21.81 -51.54
CA HIS C 172 9.68 22.70 -51.76
C HIS C 172 10.07 23.76 -52.77
N PHE C 173 9.25 23.92 -53.81
CA PHE C 173 9.43 24.94 -54.82
C PHE C 173 8.39 26.05 -54.65
N VAL C 174 8.70 27.22 -55.21
CA VAL C 174 7.80 28.37 -55.13
C VAL C 174 8.08 29.30 -56.31
N GLU C 175 7.01 29.74 -56.98
CA GLU C 175 7.10 30.71 -58.05
C GLU C 175 5.91 31.66 -57.94
N ILE C 176 6.11 32.87 -58.47
CA ILE C 176 5.09 33.91 -58.40
C ILE C 176 4.89 34.52 -59.79
N ARG C 177 3.70 35.07 -60.00
CA ARG C 177 3.40 35.81 -61.23
C ARG C 177 2.29 36.81 -60.93
N CYS C 178 2.20 37.83 -61.79
CA CYS C 178 1.29 38.94 -61.58
C CYS C 178 0.40 39.13 -62.80
N TYR C 179 -0.73 39.81 -62.58
CA TYR C 179 -1.67 40.16 -63.64
C TYR C 179 -2.16 41.57 -63.38
N ILE C 180 -1.80 42.50 -64.24
CA ILE C 180 -2.17 43.91 -64.09
C ILE C 180 -3.52 44.13 -64.78
N ASP C 181 -4.38 44.92 -64.14
CA ASP C 181 -5.70 45.24 -64.66
C ASP C 181 -5.85 46.76 -64.65
N ASN C 182 -5.64 47.39 -65.81
CA ASN C 182 -5.74 48.84 -65.93
C ASN C 182 -7.17 49.22 -66.31
N LEU C 183 -7.75 50.17 -65.56
CA LEU C 183 -9.12 50.57 -65.82
C LEU C 183 -9.25 51.37 -67.11
N HIS C 184 -8.19 52.08 -67.51
CA HIS C 184 -8.20 52.91 -68.71
C HIS C 184 -7.56 52.22 -69.90
N PHE C 185 -7.41 50.90 -69.86
CA PHE C 185 -6.83 50.14 -70.94
C PHE C 185 -7.93 49.49 -71.78
N SER C 186 -7.76 49.51 -73.09
CA SER C 186 -8.75 48.97 -74.02
C SER C 186 -8.41 47.58 -74.52
N GLY C 187 -7.13 47.27 -74.71
CA GLY C 187 -6.74 45.96 -75.21
C GLY C 187 -6.90 44.87 -74.16
N LEU C 188 -6.66 43.64 -74.59
CA LEU C 188 -6.76 42.49 -73.71
C LEU C 188 -5.57 42.42 -72.77
N GLU C 189 -5.78 41.82 -71.61
CA GLU C 189 -4.76 41.66 -70.59
C GLU C 189 -4.60 40.18 -70.27
N GLU C 190 -3.39 39.66 -70.39
CA GLU C 190 -3.08 38.27 -70.13
C GLU C 190 -2.20 38.16 -68.88
N TRP C 191 -1.91 36.92 -68.50
CA TRP C 191 -1.10 36.64 -67.32
C TRP C 191 0.38 36.59 -67.69
N SER C 192 1.22 37.07 -66.78
CA SER C 192 2.65 37.07 -66.99
C SER C 192 3.25 35.68 -66.75
N ASP C 193 4.47 35.50 -67.22
CA ASP C 193 5.16 34.23 -67.04
C ASP C 193 5.57 34.05 -65.57
N TRP C 194 5.76 32.79 -65.20
CA TRP C 194 6.14 32.47 -63.82
C TRP C 194 7.58 32.86 -63.54
N SER C 195 7.85 33.18 -62.28
CA SER C 195 9.19 33.51 -61.86
C SER C 195 10.10 32.29 -61.97
N PRO C 196 11.40 32.47 -62.16
CA PRO C 196 12.32 31.34 -62.16
C PRO C 196 12.25 30.58 -60.84
N VAL C 197 12.57 29.28 -60.90
CA VAL C 197 12.38 28.40 -59.76
C VAL C 197 13.35 28.78 -58.64
N LYS C 198 12.84 28.77 -57.41
CA LYS C 198 13.63 29.04 -56.21
C LYS C 198 13.24 28.02 -55.15
N ASN C 199 14.12 27.06 -54.90
CA ASN C 199 13.84 25.96 -53.98
C ASN C 199 14.79 26.01 -52.80
N ILE C 200 14.36 25.38 -51.71
CA ILE C 200 15.18 25.26 -50.50
C ILE C 200 15.19 23.78 -50.09
N SER C 201 16.37 23.27 -49.75
CA SER C 201 16.53 21.87 -49.36
C SER C 201 17.29 21.82 -48.05
N TRP C 202 16.72 21.12 -47.07
CA TRP C 202 17.36 20.99 -45.77
C TRP C 202 18.51 20.00 -45.83
N ILE C 203 19.71 20.47 -45.50
CA ILE C 203 20.90 19.62 -45.47
C ILE C 203 20.97 18.95 -44.11
N PRO C 204 21.25 17.64 -44.04
CA PRO C 204 21.30 16.97 -42.73
C PRO C 204 22.43 17.48 -41.86
N ASP C 205 22.07 18.12 -40.74
CA ASP C 205 23.05 18.64 -39.79
C ASP C 205 22.92 18.02 -38.40
N SER C 206 21.91 17.18 -38.17
CA SER C 206 21.70 16.56 -36.87
C SER C 206 21.43 15.07 -37.06
N GLN C 207 21.48 14.34 -35.95
CA GLN C 207 21.24 12.90 -35.97
C GLN C 207 19.76 12.53 -35.90
N THR C 208 18.89 13.49 -35.57
CA THR C 208 17.46 13.19 -35.52
C THR C 208 16.93 12.84 -36.89
N LYS C 209 16.06 11.83 -36.95
CA LYS C 209 15.50 11.35 -38.20
C LYS C 209 13.99 11.48 -38.28
N VAL C 210 13.30 11.78 -37.17
CA VAL C 210 11.85 11.92 -37.15
C VAL C 210 11.52 13.35 -36.75
N PHE C 211 10.59 13.97 -37.48
CA PHE C 211 10.18 15.33 -37.23
C PHE C 211 8.67 15.42 -37.13
N PRO C 212 8.14 16.29 -36.25
CA PRO C 212 8.89 17.21 -35.41
C PRO C 212 9.35 16.58 -34.09
N GLN C 213 9.87 17.40 -33.18
CA GLN C 213 10.43 16.94 -31.91
C GLN C 213 9.74 17.66 -30.77
N ASP C 214 9.02 16.91 -29.93
CA ASP C 214 8.38 17.42 -28.72
C ASP C 214 7.43 18.58 -29.04
N LYS C 215 6.57 18.38 -30.01
CA LYS C 215 5.58 19.39 -30.38
C LYS C 215 4.35 19.28 -29.50
N VAL C 216 3.78 20.42 -29.13
CA VAL C 216 2.58 20.48 -28.31
C VAL C 216 1.48 21.12 -29.14
N ILE C 217 0.41 20.36 -29.39
CA ILE C 217 -0.70 20.81 -30.21
C ILE C 217 -2.01 20.55 -29.47
N LEU C 218 -3.06 21.19 -29.97
CA LEU C 218 -4.39 21.03 -29.38
C LEU C 218 -4.96 19.65 -29.72
N VAL C 219 -5.77 19.12 -28.81
CA VAL C 219 -6.41 17.83 -29.03
C VAL C 219 -7.38 17.94 -30.19
N GLY C 220 -7.21 17.08 -31.18
CA GLY C 220 -8.05 17.08 -32.37
C GLY C 220 -7.41 17.70 -33.60
N SER C 221 -6.26 18.34 -33.45
CA SER C 221 -5.58 18.95 -34.58
C SER C 221 -4.93 17.88 -35.46
N ASP C 222 -4.78 18.20 -36.74
CA ASP C 222 -4.21 17.30 -37.72
C ASP C 222 -2.71 17.59 -37.86
N ILE C 223 -1.89 16.56 -37.71
CA ILE C 223 -0.44 16.68 -37.83
C ILE C 223 0.09 15.49 -38.62
N THR C 224 1.12 15.75 -39.42
CA THR C 224 1.77 14.73 -40.24
C THR C 224 3.19 14.51 -39.74
N PHE C 225 3.55 13.25 -39.53
CA PHE C 225 4.88 12.88 -39.07
C PHE C 225 5.69 12.30 -40.23
N CYS C 226 6.98 12.62 -40.26
CA CYS C 226 7.86 12.15 -41.32
C CYS C 226 9.12 11.54 -40.70
N CYS C 227 9.67 10.53 -41.37
CA CYS C 227 10.88 9.86 -40.92
C CYS C 227 11.82 9.72 -42.11
N VAL C 228 12.90 10.49 -42.09
CA VAL C 228 13.89 10.46 -43.16
C VAL C 228 14.99 9.48 -42.78
N SER C 229 15.40 8.64 -43.74
CA SER C 229 16.43 7.64 -43.51
C SER C 229 16.98 7.20 -44.86
N GLN C 230 17.96 6.29 -44.81
CA GLN C 230 18.59 5.76 -46.02
C GLN C 230 18.15 4.33 -46.33
N GLU C 231 17.39 3.70 -45.46
CA GLU C 231 16.93 2.33 -45.65
C GLU C 231 15.41 2.29 -45.75
N LYS C 232 14.90 1.12 -46.11
CA LYS C 232 13.46 0.95 -46.27
C LYS C 232 12.77 0.86 -44.91
N VAL C 233 11.58 1.44 -44.82
CA VAL C 233 10.77 1.43 -43.61
C VAL C 233 9.67 0.40 -43.78
N LEU C 234 9.43 -0.40 -42.73
CA LEU C 234 8.43 -1.45 -42.81
C LEU C 234 7.04 -0.92 -42.48
N SER C 235 6.86 -0.35 -41.30
CA SER C 235 5.56 0.15 -40.88
C SER C 235 5.77 1.22 -39.80
N ALA C 236 4.66 1.83 -39.39
CA ALA C 236 4.69 2.85 -38.36
C ALA C 236 3.39 2.77 -37.56
N LEU C 237 3.48 3.09 -36.27
CA LEU C 237 2.33 3.02 -35.39
C LEU C 237 2.55 3.91 -34.18
N ILE C 238 1.47 4.55 -33.73
CA ILE C 238 1.50 5.43 -32.55
C ILE C 238 0.70 4.83 -31.39
N GLY C 239 -0.60 4.65 -31.58
CA GLY C 239 -1.44 4.05 -30.56
C GLY C 239 -1.74 2.59 -30.84
N HIS C 240 -0.68 1.79 -31.06
CA HIS C 240 -0.78 0.39 -31.47
C HIS C 240 -1.88 0.20 -32.52
N THR C 241 -1.84 1.05 -33.54
CA THR C 241 -2.84 1.08 -34.60
C THR C 241 -2.31 0.63 -35.95
N ASN C 242 -1.03 0.86 -36.23
CA ASN C 242 -0.41 0.53 -37.51
C ASN C 242 -1.13 1.23 -38.67
N CYS C 243 -1.09 2.56 -38.64
CA CYS C 243 -1.73 3.36 -39.67
C CYS C 243 -0.95 3.23 -40.97
N PRO C 244 -1.63 3.38 -42.12
CA PRO C 244 -0.94 3.31 -43.41
C PRO C 244 0.08 4.44 -43.55
N LEU C 245 1.09 4.18 -44.38
CA LEU C 245 2.19 5.11 -44.60
C LEU C 245 2.24 5.51 -46.07
N ILE C 246 2.59 6.77 -46.31
CA ILE C 246 2.71 7.30 -47.66
C ILE C 246 4.19 7.42 -47.99
N HIS C 247 4.49 7.43 -49.29
CA HIS C 247 5.87 7.47 -49.77
C HIS C 247 6.27 8.90 -50.11
N LEU C 248 7.58 9.15 -50.06
CA LEU C 248 8.17 10.44 -50.40
C LEU C 248 9.12 10.25 -51.59
N ASP C 249 9.84 11.32 -51.94
CA ASP C 249 10.72 11.28 -53.11
C ASP C 249 11.82 10.25 -52.94
N GLY C 250 12.71 10.45 -51.97
CA GLY C 250 13.83 9.55 -51.78
C GLY C 250 13.79 8.73 -50.50
N GLU C 251 13.38 7.47 -50.61
CA GLU C 251 13.47 6.49 -49.51
C GLU C 251 12.92 7.03 -48.20
N ASN C 252 11.93 7.91 -48.27
CA ASN C 252 11.32 8.50 -47.08
C ASN C 252 9.84 8.17 -47.03
N VAL C 253 9.31 8.04 -45.81
CA VAL C 253 7.92 7.71 -45.59
C VAL C 253 7.31 8.73 -44.64
N ALA C 254 5.98 8.84 -44.70
CA ALA C 254 5.23 9.75 -43.85
C ALA C 254 3.88 9.13 -43.54
N ILE C 255 3.32 9.55 -42.40
CA ILE C 255 2.03 9.06 -41.95
C ILE C 255 1.15 10.26 -41.60
N LYS C 256 -0.12 10.19 -42.01
CA LYS C 256 -1.09 11.25 -41.74
C LYS C 256 -2.04 10.77 -40.65
N ILE C 257 -1.87 11.29 -39.43
CA ILE C 257 -2.70 10.93 -38.29
C ILE C 257 -3.65 12.09 -38.05
N ARG C 258 -4.92 11.90 -38.38
CA ARG C 258 -5.95 12.92 -38.23
C ARG C 258 -6.74 12.68 -36.96
N ASN C 259 -7.11 13.77 -36.28
CA ASN C 259 -7.92 13.72 -35.06
C ASN C 259 -7.23 12.87 -33.99
N ILE C 260 -6.08 13.34 -33.53
CA ILE C 260 -5.33 12.63 -32.50
C ILE C 260 -6.12 12.65 -31.19
N SER C 261 -5.78 11.71 -30.31
CA SER C 261 -6.44 11.57 -29.03
C SER C 261 -5.63 12.25 -27.92
N VAL C 262 -6.19 12.25 -26.72
CA VAL C 262 -5.52 12.86 -25.58
C VAL C 262 -4.35 11.98 -25.15
N SER C 263 -3.21 12.61 -24.91
CA SER C 263 -2.01 11.89 -24.51
C SER C 263 -1.96 11.70 -22.99
N ALA C 264 -1.09 10.80 -22.55
CA ALA C 264 -0.90 10.53 -21.13
C ALA C 264 0.16 11.47 -20.57
N SER C 265 0.64 11.18 -19.36
CA SER C 265 1.70 11.99 -18.77
C SER C 265 2.93 12.02 -19.66
N SER C 266 3.23 10.91 -20.33
CA SER C 266 4.31 10.84 -21.30
C SER C 266 3.74 10.86 -22.72
N GLY C 267 4.50 11.41 -23.64
CA GLY C 267 4.04 11.51 -25.01
C GLY C 267 3.98 10.15 -25.69
N THR C 268 3.00 10.01 -26.58
CA THR C 268 2.86 8.77 -27.33
C THR C 268 3.99 8.61 -28.34
N ASN C 269 4.53 7.40 -28.43
CA ASN C 269 5.69 7.14 -29.27
C ASN C 269 5.27 6.93 -30.71
N VAL C 270 5.79 7.74 -31.62
CA VAL C 270 5.57 7.59 -33.05
C VAL C 270 6.81 6.89 -33.59
N VAL C 271 6.78 5.56 -33.61
CA VAL C 271 7.93 4.75 -33.98
C VAL C 271 7.80 4.31 -35.43
N PHE C 272 8.96 4.13 -36.08
CA PHE C 272 9.04 3.67 -37.45
C PHE C 272 9.89 2.39 -37.46
N THR C 273 9.24 1.24 -37.52
CA THR C 273 9.92 -0.04 -37.45
C THR C 273 10.73 -0.26 -38.71
N THR C 274 12.06 -0.24 -38.58
CA THR C 274 12.96 -0.50 -39.69
C THR C 274 13.29 -2.00 -39.67
N GLU C 275 14.22 -2.44 -40.51
CA GLU C 275 14.56 -3.87 -40.56
C GLU C 275 15.28 -4.31 -39.29
N ASP C 276 16.15 -3.47 -38.75
CA ASP C 276 16.91 -3.83 -37.55
C ASP C 276 16.98 -2.72 -36.51
N ASN C 277 16.32 -1.58 -36.72
CA ASN C 277 16.35 -0.49 -35.77
C ASN C 277 14.95 0.09 -35.62
N ILE C 278 14.77 0.91 -34.59
CA ILE C 278 13.49 1.57 -34.32
C ILE C 278 13.78 3.02 -33.97
N PHE C 279 13.24 3.94 -34.76
CA PHE C 279 13.37 5.38 -34.52
C PHE C 279 12.00 5.96 -34.22
N GLY C 280 11.91 6.75 -33.16
CA GLY C 280 10.63 7.31 -32.75
C GLY C 280 10.79 8.60 -31.97
N THR C 281 9.68 9.33 -31.88
CA THR C 281 9.59 10.56 -31.12
C THR C 281 8.31 10.55 -30.30
N VAL C 282 8.05 11.65 -29.60
CA VAL C 282 6.86 11.78 -28.77
C VAL C 282 6.10 13.03 -29.17
N ILE C 283 4.78 12.97 -29.04
CA ILE C 283 3.90 14.09 -29.33
C ILE C 283 3.03 14.34 -28.10
N PHE C 284 2.73 15.62 -27.86
CA PHE C 284 1.95 16.02 -26.68
C PHE C 284 0.66 16.68 -27.13
N ALA C 285 -0.46 16.17 -26.62
CA ALA C 285 -1.79 16.70 -26.90
C ALA C 285 -2.41 17.14 -25.59
N GLY C 286 -2.49 18.46 -25.37
CA GLY C 286 -3.03 18.99 -24.14
C GLY C 286 -4.14 19.99 -24.40
N TYR C 287 -4.79 20.40 -23.31
CA TYR C 287 -5.89 21.35 -23.33
C TYR C 287 -5.43 22.73 -22.85
N PRO C 288 -6.07 23.80 -23.31
CA PRO C 288 -5.71 25.14 -22.84
C PRO C 288 -6.01 25.30 -21.36
N PRO C 289 -5.33 26.23 -20.69
CA PRO C 289 -5.56 26.40 -19.25
C PRO C 289 -6.94 27.01 -18.98
N ASP C 290 -7.66 26.40 -18.05
CA ASP C 290 -8.99 26.87 -17.69
C ASP C 290 -8.90 28.13 -16.81
N THR C 291 -9.97 28.91 -16.83
CA THR C 291 -10.03 30.12 -16.02
C THR C 291 -10.09 29.77 -14.54
N PRO C 292 -9.19 30.28 -13.70
CA PRO C 292 -9.22 29.94 -12.27
C PRO C 292 -10.45 30.56 -11.59
N GLN C 293 -11.32 29.70 -11.09
CA GLN C 293 -12.53 30.15 -10.40
C GLN C 293 -12.29 30.24 -8.90
N GLN C 294 -13.27 30.83 -8.20
CA GLN C 294 -13.26 30.97 -6.75
C GLN C 294 -12.00 31.71 -6.28
N LEU C 295 -11.89 32.95 -6.73
CA LEU C 295 -10.74 33.81 -6.41
C LEU C 295 -11.17 34.82 -5.35
N ASN C 296 -10.90 34.51 -4.09
CA ASN C 296 -11.18 35.42 -2.98
C ASN C 296 -10.13 35.20 -1.90
N CYS C 297 -9.84 36.25 -1.14
CA CYS C 297 -8.84 36.13 -0.10
C CYS C 297 -9.07 37.12 1.04
N GLU C 298 -8.88 36.63 2.25
CA GLU C 298 -8.91 37.39 3.48
C GLU C 298 -7.48 37.57 3.99
N THR C 299 -7.35 38.13 5.20
CA THR C 299 -6.03 38.32 5.80
C THR C 299 -6.07 37.93 7.26
N HIS C 300 -4.97 37.34 7.73
CA HIS C 300 -4.83 37.01 9.14
C HIS C 300 -4.32 38.20 9.93
N ASP C 301 -3.30 38.88 9.39
CA ASP C 301 -2.78 40.11 9.97
C ASP C 301 -2.66 41.15 8.87
N LEU C 302 -2.53 42.41 9.28
CA LEU C 302 -2.41 43.50 8.31
C LEU C 302 -0.97 43.63 7.81
N LYS C 303 -0.40 42.53 7.34
CA LYS C 303 0.97 42.53 6.84
C LYS C 303 1.07 41.85 5.47
N GLU C 304 0.18 40.88 5.22
CA GLU C 304 0.22 40.13 3.97
C GLU C 304 -1.17 39.59 3.67
N ILE C 305 -1.35 39.21 2.41
CA ILE C 305 -2.60 38.61 1.94
C ILE C 305 -2.28 37.26 1.32
N ILE C 306 -3.17 36.29 1.54
CA ILE C 306 -3.01 34.93 1.04
C ILE C 306 -4.21 34.64 0.14
N CYS C 307 -4.03 34.78 -1.17
CA CYS C 307 -5.10 34.58 -2.14
C CYS C 307 -4.94 33.25 -2.85
N SER C 308 -5.96 32.41 -2.75
CA SER C 308 -5.93 31.06 -3.28
C SER C 308 -7.04 30.87 -4.30
N TRP C 309 -6.95 29.75 -5.02
CA TRP C 309 -7.91 29.43 -6.08
C TRP C 309 -7.77 27.94 -6.41
N ASN C 310 -8.58 27.49 -7.36
CA ASN C 310 -8.51 26.11 -7.84
C ASN C 310 -8.59 26.07 -9.35
N PRO C 311 -7.80 25.21 -9.99
CA PRO C 311 -7.85 25.11 -11.46
C PRO C 311 -9.11 24.40 -11.92
N GLY C 312 -9.39 24.56 -13.22
CA GLY C 312 -10.54 23.92 -13.82
C GLY C 312 -10.21 22.55 -14.38
N ARG C 313 -10.44 22.36 -15.67
CA ARG C 313 -10.12 21.10 -16.31
C ARG C 313 -8.60 20.89 -16.36
N VAL C 314 -8.18 19.65 -16.19
CA VAL C 314 -6.75 19.33 -16.20
C VAL C 314 -6.22 19.46 -17.61
N THR C 315 -5.09 20.16 -17.76
CA THR C 315 -4.48 20.36 -19.07
C THR C 315 -3.71 19.13 -19.56
N ALA C 316 -3.60 18.08 -18.73
CA ALA C 316 -2.91 16.84 -19.10
C ALA C 316 -1.46 17.10 -19.49
N LEU C 317 -0.85 18.13 -18.91
CA LEU C 317 0.55 18.48 -19.17
C LEU C 317 1.28 18.59 -17.85
N VAL C 318 2.22 17.68 -17.61
CA VAL C 318 2.99 17.64 -16.36
C VAL C 318 4.46 17.70 -16.72
N GLY C 319 5.22 18.49 -15.95
CA GLY C 319 6.64 18.62 -16.17
C GLY C 319 7.04 20.05 -16.48
N PRO C 320 8.02 20.23 -17.37
CA PRO C 320 8.46 21.58 -17.73
C PRO C 320 7.47 22.33 -18.61
N ARG C 321 6.37 21.71 -19.03
CA ARG C 321 5.36 22.35 -19.85
C ARG C 321 4.07 22.62 -19.10
N ALA C 322 4.08 22.49 -17.78
CA ALA C 322 2.89 22.74 -16.99
C ALA C 322 2.59 24.24 -16.92
N THR C 323 1.38 24.57 -16.50
CA THR C 323 0.97 25.96 -16.39
C THR C 323 1.64 26.64 -15.21
N SER C 324 1.82 27.95 -15.33
CA SER C 324 2.44 28.77 -14.29
C SER C 324 1.55 29.96 -14.00
N TYR C 325 0.98 30.00 -12.79
CA TYR C 325 0.10 31.09 -12.39
C TYR C 325 0.92 32.24 -11.80
N THR C 326 0.50 33.47 -12.12
CA THR C 326 1.19 34.66 -11.65
C THR C 326 0.14 35.70 -11.25
N LEU C 327 0.28 36.23 -10.04
CA LEU C 327 -0.63 37.25 -9.52
C LEU C 327 0.05 38.61 -9.57
N VAL C 328 -0.56 39.56 -10.28
CA VAL C 328 -0.01 40.89 -10.42
C VAL C 328 -1.00 41.89 -9.84
N GLU C 329 -0.49 43.05 -9.42
CA GLU C 329 -1.30 44.12 -8.87
C GLU C 329 -1.54 45.19 -9.92
N SER C 330 -2.74 45.77 -9.90
CA SER C 330 -3.12 46.75 -10.92
C SER C 330 -2.52 48.13 -10.61
N PHE C 331 -2.83 48.69 -9.45
CA PHE C 331 -2.40 50.04 -9.13
C PHE C 331 -0.89 50.09 -8.92
N SER C 332 -0.38 49.30 -7.98
CA SER C 332 1.04 49.37 -7.65
C SER C 332 1.89 48.72 -8.75
N GLY C 333 1.53 47.51 -9.16
CA GLY C 333 2.25 46.80 -10.19
C GLY C 333 3.14 45.68 -9.70
N LYS C 334 3.16 45.40 -8.39
CA LYS C 334 3.98 44.32 -7.88
C LYS C 334 3.39 42.98 -8.27
N TYR C 335 4.26 41.98 -8.37
CA TYR C 335 3.84 40.65 -8.80
C TYR C 335 4.66 39.60 -8.06
N VAL C 336 4.03 38.44 -7.84
CA VAL C 336 4.67 37.29 -7.22
C VAL C 336 4.41 36.07 -8.09
N ARG C 337 5.28 35.07 -7.97
CA ARG C 337 5.23 33.87 -8.79
C ARG C 337 5.15 32.64 -7.90
N LEU C 338 4.27 31.71 -8.26
CA LEU C 338 4.12 30.46 -7.53
C LEU C 338 5.16 29.45 -8.00
N LYS C 339 5.55 28.56 -7.09
CA LYS C 339 6.58 27.56 -7.35
C LYS C 339 5.97 26.17 -7.37
N ARG C 340 6.32 25.39 -8.38
CA ARG C 340 5.85 24.01 -8.56
C ARG C 340 6.97 23.00 -8.35
N ALA C 341 7.84 23.23 -7.37
CA ALA C 341 9.00 22.38 -7.17
C ALA C 341 8.60 20.95 -6.83
N GLU C 342 7.91 20.76 -5.71
CA GLU C 342 7.55 19.43 -5.24
C GLU C 342 6.40 18.86 -6.07
N ALA C 343 6.48 17.56 -6.36
CA ALA C 343 5.48 16.95 -7.25
C ALA C 343 4.14 16.71 -6.55
N PRO C 344 4.07 16.07 -5.36
CA PRO C 344 2.75 15.84 -4.75
C PRO C 344 2.12 17.13 -4.24
N THR C 345 1.61 17.95 -5.16
CA THR C 345 1.07 19.25 -4.81
C THR C 345 -0.28 19.10 -4.10
N ASN C 346 -0.73 20.22 -3.53
CA ASN C 346 -2.00 20.27 -2.83
C ASN C 346 -3.15 20.47 -3.82
N GLU C 347 -4.37 20.47 -3.28
CA GLU C 347 -5.56 20.63 -4.12
C GLU C 347 -5.74 22.08 -4.55
N SER C 348 -5.69 23.01 -3.61
CA SER C 348 -5.84 24.43 -3.90
C SER C 348 -4.50 25.14 -3.69
N TYR C 349 -4.19 26.08 -4.58
CA TYR C 349 -2.91 26.77 -4.59
C TYR C 349 -3.05 28.11 -3.89
N GLN C 350 -2.36 28.28 -2.76
CA GLN C 350 -2.28 29.55 -2.08
C GLN C 350 -1.13 30.38 -2.64
N LEU C 351 -1.07 31.64 -2.25
CA LEU C 351 -0.04 32.54 -2.74
C LEU C 351 0.15 33.68 -1.75
N LEU C 352 1.40 34.06 -1.51
CA LEU C 352 1.73 35.10 -0.55
C LEU C 352 1.85 36.44 -1.26
N PHE C 353 1.27 37.48 -0.66
CA PHE C 353 1.33 38.84 -1.20
C PHE C 353 1.47 39.80 -0.03
N GLN C 354 2.65 40.40 0.12
CA GLN C 354 2.88 41.32 1.22
C GLN C 354 2.07 42.60 1.03
N MET C 355 1.50 43.08 2.13
CA MET C 355 0.69 44.29 2.10
C MET C 355 1.57 45.53 2.03
N LEU C 356 1.14 46.50 1.22
CA LEU C 356 1.86 47.76 1.06
C LEU C 356 1.32 48.81 2.03
N PRO C 357 2.17 49.72 2.50
CA PRO C 357 1.77 50.64 3.57
C PRO C 357 0.67 51.61 3.12
N ASN C 358 -0.47 51.53 3.82
CA ASN C 358 -1.55 52.52 3.72
C ASN C 358 -2.07 52.64 2.29
N GLN C 359 -2.66 51.54 1.82
CA GLN C 359 -3.33 51.52 0.52
C GLN C 359 -4.86 51.48 0.63
N GLU C 360 -5.40 50.61 1.48
CA GLU C 360 -6.81 50.59 1.83
C GLU C 360 -7.68 50.08 0.68
N ILE C 361 -7.07 49.85 -0.48
CA ILE C 361 -7.79 49.39 -1.67
C ILE C 361 -6.90 48.41 -2.42
N TYR C 362 -7.45 47.24 -2.74
CA TYR C 362 -6.72 46.21 -3.46
C TYR C 362 -7.54 45.73 -4.64
N ASN C 363 -6.93 45.73 -5.83
CA ASN C 363 -7.58 45.32 -7.06
C ASN C 363 -6.60 44.39 -7.79
N PHE C 364 -6.76 43.09 -7.58
CA PHE C 364 -5.83 42.09 -8.08
C PHE C 364 -6.27 41.59 -9.45
N THR C 365 -5.31 41.02 -10.17
CA THR C 365 -5.56 40.43 -11.49
C THR C 365 -4.62 39.24 -11.65
N LEU C 366 -5.17 38.04 -11.67
CA LEU C 366 -4.38 36.82 -11.77
C LEU C 366 -4.13 36.47 -13.23
N ASN C 367 -2.93 35.96 -13.51
CA ASN C 367 -2.54 35.57 -14.85
C ASN C 367 -2.14 34.09 -14.87
N ALA C 368 -2.33 33.46 -16.02
CA ALA C 368 -1.98 32.06 -16.21
C ALA C 368 -1.31 31.89 -17.57
N HIS C 369 -0.21 31.16 -17.61
CA HIS C 369 0.56 30.95 -18.83
C HIS C 369 0.59 29.47 -19.18
N ASN C 370 0.68 29.19 -20.47
CA ASN C 370 0.71 27.82 -21.00
C ASN C 370 1.17 27.86 -22.45
N PRO C 371 1.93 26.87 -22.91
CA PRO C 371 2.39 26.89 -24.31
C PRO C 371 1.27 26.69 -25.32
N LEU C 372 0.03 26.55 -24.85
CA LEU C 372 -1.12 26.40 -25.73
C LEU C 372 -2.10 27.56 -25.62
N GLY C 373 -2.34 28.08 -24.42
CA GLY C 373 -3.25 29.18 -24.25
C GLY C 373 -2.95 29.96 -22.99
N ARG C 374 -3.89 30.83 -22.62
CA ARG C 374 -3.75 31.64 -21.42
C ARG C 374 -5.12 32.12 -20.99
N SER C 375 -5.25 32.38 -19.68
CA SER C 375 -6.49 32.87 -19.10
C SER C 375 -6.15 33.84 -17.98
N GLN C 376 -7.18 34.58 -17.52
CA GLN C 376 -6.99 35.56 -16.47
C GLN C 376 -8.31 35.81 -15.78
N SER C 377 -8.23 36.34 -14.56
CA SER C 377 -9.42 36.66 -13.77
C SER C 377 -9.03 37.68 -12.71
N THR C 378 -9.82 38.75 -12.60
CA THR C 378 -9.56 39.83 -11.67
C THR C 378 -10.58 39.82 -10.53
N ILE C 379 -10.22 40.49 -9.45
CA ILE C 379 -11.08 40.58 -8.26
C ILE C 379 -10.68 41.80 -7.47
N LEU C 380 -11.67 42.50 -6.93
CA LEU C 380 -11.46 43.69 -6.10
C LEU C 380 -12.06 43.45 -4.73
N VAL C 381 -11.24 43.55 -3.70
CA VAL C 381 -11.68 43.32 -2.32
C VAL C 381 -11.23 44.49 -1.45
N ASN C 382 -11.87 44.61 -0.29
CA ASN C 382 -11.53 45.61 0.72
C ASN C 382 -10.79 44.89 1.84
N ILE C 383 -9.48 45.14 1.95
CA ILE C 383 -8.64 44.41 2.88
C ILE C 383 -9.06 44.60 4.33
N THR C 384 -9.72 45.72 4.63
CA THR C 384 -10.16 45.96 6.00
C THR C 384 -11.32 45.04 6.38
N GLU C 385 -12.30 44.90 5.50
CA GLU C 385 -13.44 44.03 5.78
C GLU C 385 -13.15 42.56 5.53
N LYS C 386 -12.16 42.25 4.69
CA LYS C 386 -11.77 40.88 4.42
C LYS C 386 -10.63 40.46 5.36
N VAL C 387 -10.95 40.42 6.66
CA VAL C 387 -9.99 40.08 7.69
C VAL C 387 -10.45 38.82 8.40
N TYR C 388 -9.48 37.98 8.77
CA TYR C 388 -9.75 36.72 9.47
C TYR C 388 -8.81 36.62 10.66
N PRO C 389 -9.27 36.96 11.86
CA PRO C 389 -8.38 36.97 13.03
C PRO C 389 -7.92 35.56 13.39
N HIS C 390 -6.83 35.52 14.14
CA HIS C 390 -6.26 34.27 14.62
C HIS C 390 -6.78 33.96 16.02
N THR C 391 -6.68 32.68 16.39
CA THR C 391 -7.15 32.28 17.71
C THR C 391 -6.17 32.72 18.79
N PRO C 392 -6.66 33.18 19.94
CA PRO C 392 -5.76 33.61 21.01
C PRO C 392 -5.03 32.43 21.63
N THR C 393 -3.75 32.63 21.93
CA THR C 393 -2.92 31.61 22.53
C THR C 393 -2.26 32.16 23.79
N SER C 394 -1.99 31.27 24.74
CA SER C 394 -1.28 31.58 25.98
C SER C 394 -1.97 32.69 26.76
N PHE C 395 -3.19 32.39 27.20
CA PHE C 395 -3.98 33.29 28.02
C PHE C 395 -4.27 32.67 29.37
N LYS C 396 -4.35 33.52 30.39
CA LYS C 396 -4.54 33.08 31.77
C LYS C 396 -5.88 33.60 32.30
N VAL C 397 -6.34 32.96 33.39
CA VAL C 397 -7.62 33.30 34.02
C VAL C 397 -7.32 33.52 35.49
N LYS C 398 -7.05 34.77 35.88
CA LYS C 398 -6.75 35.10 37.27
C LYS C 398 -6.92 36.60 37.46
N ASP C 399 -7.21 36.99 38.69
CA ASP C 399 -7.44 38.39 39.04
C ASP C 399 -7.15 38.58 40.53
N ILE C 400 -7.40 39.79 41.02
CA ILE C 400 -7.22 40.11 42.43
C ILE C 400 -8.48 39.74 43.19
N ASN C 401 -8.38 39.78 44.52
CA ASN C 401 -9.46 39.36 45.41
C ASN C 401 -10.73 40.18 45.22
N SER C 402 -10.72 41.18 44.36
CA SER C 402 -11.89 41.97 44.01
C SER C 402 -12.77 41.21 43.04
N THR C 403 -13.68 41.93 42.36
CA THR C 403 -14.63 41.35 41.42
C THR C 403 -13.91 40.45 40.42
N ALA C 404 -14.66 39.57 39.74
CA ALA C 404 -14.12 38.35 39.16
C ALA C 404 -13.17 38.64 38.00
N VAL C 405 -12.72 37.54 37.37
CA VAL C 405 -11.53 37.56 36.54
C VAL C 405 -11.63 38.58 35.41
N LYS C 406 -10.53 39.29 35.17
CA LYS C 406 -10.34 40.13 34.00
C LYS C 406 -9.36 39.41 33.08
N LEU C 407 -9.87 38.91 31.95
CA LEU C 407 -9.08 38.06 31.08
C LEU C 407 -7.97 38.86 30.39
N SER C 408 -7.00 38.13 29.84
CA SER C 408 -5.88 38.74 29.13
C SER C 408 -5.36 37.71 28.12
N TRP C 409 -5.71 37.90 26.85
CA TRP C 409 -5.32 36.99 25.78
C TRP C 409 -4.26 37.64 24.90
N HIS C 410 -3.50 36.79 24.22
CA HIS C 410 -2.44 37.22 23.31
C HIS C 410 -2.84 36.91 21.88
N LEU C 411 -2.77 37.92 21.02
CA LEU C 411 -3.15 37.78 19.61
C LEU C 411 -2.09 38.42 18.75
N PRO C 412 -1.33 37.65 17.96
CA PRO C 412 -0.29 38.25 17.13
C PRO C 412 -0.87 38.97 15.93
N GLY C 413 -0.04 39.84 15.33
CA GLY C 413 -0.41 40.60 14.16
C GLY C 413 -0.20 42.08 14.43
N ASN C 414 -0.81 42.90 13.58
CA ASN C 414 -0.73 44.36 13.66
C ASN C 414 -2.13 44.92 13.51
N PHE C 415 -2.79 45.21 14.64
CA PHE C 415 -4.15 45.73 14.65
C PHE C 415 -4.27 46.96 15.54
N ALA C 416 -3.20 47.75 15.62
CA ALA C 416 -3.20 48.94 16.48
C ALA C 416 -4.15 50.03 16.00
N LYS C 417 -4.66 49.93 14.78
CA LYS C 417 -5.57 50.93 14.22
C LYS C 417 -7.03 50.55 14.36
N ILE C 418 -7.37 49.28 14.21
CA ILE C 418 -8.75 48.83 14.28
C ILE C 418 -9.02 48.27 15.67
N ASN C 419 -10.30 48.22 16.03
CA ASN C 419 -10.72 47.68 17.31
C ASN C 419 -11.10 46.21 17.17
N PHE C 420 -11.40 45.58 18.30
CA PHE C 420 -11.76 44.17 18.34
C PHE C 420 -13.14 44.00 18.97
N LEU C 421 -13.74 42.84 18.72
CA LEU C 421 -15.06 42.49 19.23
C LEU C 421 -15.06 41.07 19.77
N CYS C 422 -14.09 40.74 20.62
CA CYS C 422 -13.99 39.41 21.20
C CYS C 422 -15.21 39.14 22.07
N GLU C 423 -16.04 38.20 21.64
CA GLU C 423 -17.21 37.79 22.43
C GLU C 423 -16.78 36.68 23.39
N ILE C 424 -16.90 36.95 24.69
CA ILE C 424 -16.53 35.99 25.73
C ILE C 424 -17.79 35.24 26.14
N GLU C 425 -17.81 33.94 25.86
CA GLU C 425 -18.94 33.08 26.20
C GLU C 425 -18.66 32.37 27.52
N ILE C 426 -19.43 32.70 28.54
CA ILE C 426 -19.31 32.09 29.86
C ILE C 426 -20.37 31.00 29.98
N LYS C 427 -19.96 29.83 30.50
CA LYS C 427 -20.84 28.68 30.63
C LYS C 427 -21.01 28.32 32.09
N LYS C 428 -22.25 28.08 32.50
CA LYS C 428 -22.55 27.69 33.87
C LYS C 428 -22.29 26.20 34.04
N SER C 429 -22.76 25.62 35.15
CA SER C 429 -22.53 24.22 35.43
C SER C 429 -23.38 23.32 34.53
N ASN C 430 -23.04 23.30 33.24
CA ASN C 430 -23.74 22.47 32.25
C ASN C 430 -25.24 22.78 32.20
N SER C 431 -25.62 24.01 32.53
CA SER C 431 -27.01 24.41 32.54
C SER C 431 -27.32 25.47 31.49
N VAL C 432 -26.61 26.60 31.51
CA VAL C 432 -26.83 27.70 30.58
C VAL C 432 -25.47 28.22 30.12
N GLN C 433 -25.52 29.11 29.13
CA GLN C 433 -24.31 29.74 28.59
C GLN C 433 -24.70 31.11 28.04
N GLU C 434 -24.44 32.15 28.82
CA GLU C 434 -24.78 33.51 28.40
C GLU C 434 -23.73 34.06 27.44
N GLN C 435 -24.12 35.09 26.70
CA GLN C 435 -23.25 35.72 25.71
C GLN C 435 -23.12 37.21 26.01
N ARG C 436 -21.91 37.74 25.82
CA ARG C 436 -21.64 39.15 26.02
C ARG C 436 -20.35 39.50 25.29
N ASN C 437 -20.29 40.73 24.78
CA ASN C 437 -19.15 41.20 24.02
C ASN C 437 -18.76 42.60 24.45
N VAL C 438 -17.46 42.86 24.54
CA VAL C 438 -16.92 44.16 24.91
C VAL C 438 -15.86 44.54 23.89
N THR C 439 -15.74 45.83 23.64
CA THR C 439 -14.79 46.35 22.66
C THR C 439 -13.44 46.61 23.31
N ILE C 440 -12.38 46.28 22.59
CA ILE C 440 -11.01 46.47 23.05
C ILE C 440 -10.22 47.13 21.92
N LYS C 441 -9.54 48.24 22.24
CA LYS C 441 -8.74 48.92 21.24
C LYS C 441 -7.48 48.12 20.92
N GLY C 442 -6.95 48.34 19.71
CA GLY C 442 -5.77 47.63 19.29
C GLY C 442 -4.54 48.06 20.05
N VAL C 443 -3.58 47.14 20.16
CA VAL C 443 -2.34 47.34 20.88
C VAL C 443 -1.20 46.75 20.03
N GLU C 444 0.02 46.88 20.52
CA GLU C 444 1.18 46.35 19.84
C GLU C 444 1.16 44.82 19.85
N ASN C 445 2.22 44.22 19.29
CA ASN C 445 2.32 42.78 19.17
C ASN C 445 2.59 42.19 20.56
N SER C 446 1.54 42.13 21.36
CA SER C 446 1.61 41.61 22.72
C SER C 446 0.21 41.17 23.13
N SER C 447 0.02 40.92 24.42
CA SER C 447 -1.26 40.48 24.95
C SER C 447 -2.25 41.65 25.01
N TYR C 448 -3.47 41.35 25.41
CA TYR C 448 -4.54 42.34 25.53
C TYR C 448 -5.06 42.38 26.95
N LEU C 449 -6.00 43.29 27.19
CA LEU C 449 -6.62 43.45 28.50
C LEU C 449 -8.11 43.68 28.32
N VAL C 450 -8.90 43.18 29.27
CA VAL C 450 -10.36 43.31 29.26
C VAL C 450 -10.83 43.29 30.71
N ALA C 451 -12.11 43.60 30.91
CA ALA C 451 -12.71 43.62 32.24
C ALA C 451 -14.01 42.84 32.22
N LEU C 452 -14.47 42.46 33.40
CA LEU C 452 -15.69 41.67 33.57
C LEU C 452 -16.60 42.38 34.58
N ASP C 453 -17.72 41.75 34.91
CA ASP C 453 -18.73 42.40 35.76
C ASP C 453 -19.52 41.33 36.50
N LYS C 454 -19.20 41.13 37.78
CA LYS C 454 -20.05 40.41 38.74
C LYS C 454 -20.35 38.99 38.29
N LEU C 455 -19.30 38.17 38.27
CA LEU C 455 -19.44 36.74 38.03
C LEU C 455 -19.62 36.03 39.37
N ASN C 456 -20.43 34.96 39.36
CA ASN C 456 -20.77 34.21 40.54
C ASN C 456 -19.54 33.50 41.11
N PRO C 457 -19.66 32.88 42.30
CA PRO C 457 -18.59 31.98 42.78
C PRO C 457 -18.44 30.73 41.92
N TYR C 458 -17.62 29.78 42.37
CA TYR C 458 -17.12 28.69 41.54
C TYR C 458 -18.20 28.13 40.60
N THR C 459 -19.24 27.53 41.17
CA THR C 459 -20.41 27.04 40.43
C THR C 459 -20.01 26.21 39.19
N LEU C 460 -18.81 25.65 39.20
CA LEU C 460 -18.24 24.93 38.06
C LEU C 460 -18.36 25.77 36.79
N TYR C 461 -17.65 26.90 36.78
CA TYR C 461 -17.66 27.82 35.65
C TYR C 461 -16.49 27.53 34.72
N THR C 462 -16.73 27.67 33.42
CA THR C 462 -15.72 27.46 32.41
C THR C 462 -15.70 28.65 31.46
N PHE C 463 -14.54 28.89 30.85
CA PHE C 463 -14.33 30.05 30.00
C PHE C 463 -14.04 29.62 28.55
N ARG C 464 -14.42 30.48 27.62
CA ARG C 464 -14.17 30.28 26.21
C ARG C 464 -14.33 31.61 25.49
N ILE C 465 -13.47 31.86 24.50
CA ILE C 465 -13.44 33.14 23.81
C ILE C 465 -13.41 32.89 22.30
N ARG C 466 -14.08 33.76 21.56
CA ARG C 466 -14.06 33.75 20.09
C ARG C 466 -14.17 35.20 19.62
N CYS C 467 -13.09 35.73 19.06
CA CYS C 467 -13.06 37.13 18.65
C CYS C 467 -13.63 37.31 17.25
N SER C 468 -14.35 38.42 17.09
CA SER C 468 -14.86 38.90 15.81
C SER C 468 -14.39 40.34 15.62
N THR C 469 -14.96 41.02 14.63
CA THR C 469 -14.62 42.41 14.36
C THR C 469 -15.91 43.19 14.15
N GLU C 470 -15.82 44.52 14.36
CA GLU C 470 -16.97 45.38 14.10
C GLU C 470 -17.48 45.20 12.67
N THR C 471 -16.57 45.00 11.72
CA THR C 471 -16.93 44.60 10.37
C THR C 471 -17.23 43.11 10.38
N PHE C 472 -18.47 42.74 10.10
CA PHE C 472 -18.91 41.36 10.23
C PHE C 472 -18.20 40.46 9.23
N TRP C 473 -17.68 39.34 9.72
CA TRP C 473 -16.99 38.34 8.90
C TRP C 473 -16.89 37.06 9.72
N LYS C 474 -16.12 36.10 9.20
CA LYS C 474 -15.95 34.84 9.91
C LYS C 474 -15.26 35.05 11.25
N TRP C 475 -15.83 34.47 12.30
CA TRP C 475 -15.29 34.64 13.64
C TRP C 475 -14.03 33.79 13.80
N SER C 476 -13.17 34.22 14.72
CA SER C 476 -11.91 33.51 14.97
C SER C 476 -12.17 32.13 15.56
N LYS C 477 -11.18 31.25 15.38
CA LYS C 477 -11.29 29.90 15.90
C LYS C 477 -11.22 29.90 17.42
N TRP C 478 -11.85 28.89 18.02
CA TRP C 478 -11.86 28.77 19.47
C TRP C 478 -10.49 28.36 19.99
N SER C 479 -10.21 28.74 21.23
CA SER C 479 -8.95 28.43 21.89
C SER C 479 -9.17 27.36 22.95
N ASN C 480 -8.09 27.05 23.69
CA ASN C 480 -8.17 26.04 24.74
C ASN C 480 -9.02 26.57 25.90
N LYS C 481 -10.02 25.79 26.29
CA LYS C 481 -10.91 26.21 27.36
C LYS C 481 -10.22 26.11 28.71
N LYS C 482 -10.38 27.13 29.53
CA LYS C 482 -9.83 27.17 30.88
C LYS C 482 -10.95 27.34 31.89
N GLN C 483 -10.73 26.83 33.10
CA GLN C 483 -11.73 26.88 34.16
C GLN C 483 -11.08 27.32 35.48
N HIS C 484 -10.13 28.24 35.41
CA HIS C 484 -9.52 28.78 36.61
C HIS C 484 -10.52 29.71 37.32
N LEU C 485 -10.81 29.40 38.58
CA LEU C 485 -11.85 30.10 39.32
C LEU C 485 -11.24 30.94 40.43
N THR C 486 -11.73 32.16 40.59
CA THR C 486 -11.32 33.01 41.70
C THR C 486 -11.96 32.50 42.99
N THR C 487 -11.18 32.52 44.07
CA THR C 487 -11.60 31.93 45.34
C THR C 487 -12.96 32.43 45.77
N GLU C 488 -13.70 31.56 46.45
CA GLU C 488 -15.08 31.82 46.88
C GLU C 488 -15.17 31.77 48.40
N ALA C 489 -16.39 31.84 48.91
CA ALA C 489 -16.68 31.79 50.34
C ALA C 489 -15.90 32.86 51.11
#